data_7SCQ
#
_entry.id   7SCQ
#
_cell.length_a   1.00
_cell.length_b   1.00
_cell.length_c   1.00
_cell.angle_alpha   90.00
_cell.angle_beta   90.00
_cell.angle_gamma   90.00
#
_symmetry.space_group_name_H-M   'P 1'
#
loop_
_entity.id
_entity.type
_entity.pdbx_description
1 polymer 'Tyrosine--tRNA ligase'
2 polymer 'tRNA-like structure from brome mosaic virus RNA 3.'
#
loop_
_entity_poly.entity_id
_entity_poly.type
_entity_poly.pdbx_seq_one_letter_code
_entity_poly.pdbx_strand_id
1 'polypeptide(L)'
;MGSSHHHHHHSSGLVPRGSHMMEQAPSEALQSLSVSDSQIPQSSNSTPQLSPEEKFKIVRSVGEECIQEDELLNLLTKKP
EPVCYDGFEPSGRMHIAQGVMKTISVNKLTSAGCRVKIWIADWFAKLNNKMGGDLKKIETVGRYLIEIWKAVGMDVEGGK
VEFLWSSKEINARADEYWPLVLDIAQKNNLKRIIRCSQIMGRSEQDELTAAQIFYPCMQCADIFFLKADICQLGMDQRKV
NVLAREYCDDIKRKNKPIILSHHMLPGLQQGQEKMSKSDPSSSVFMEDEEAEVNVKIKKAYCPPKVVEGNPCLEYIKYLI
LPWFNEFTVERSADNGGNKTFKSYEELIADYESGELHPADLKPALSKSLNKILEPVREHFRKDSNAKELLKRVKAYRVTK
;
A,B
2 'polyribonucleotide'
;GGCGUGGUUGACACGCAGACCUCUUACAAGAGUGUCUAGGUGCCUUUGAGAGUUACUCUUUGCUCUCUUCGGAAGAACCC
UUAGGGGUUCGUGCAUGGGCUUGCAUAGCAAGUCUUAGAAUGCGGGUACCGUACAGUGUUGAAAAACACUGUAAAUCUCU
AAAAGAGACCA
;
C
#
loop_
_chem_comp.id
_chem_comp.type
_chem_comp.name
_chem_comp.formula
A RNA linking ADENOSINE-5'-MONOPHOSPHATE 'C10 H14 N5 O7 P'
C RNA linking CYTIDINE-5'-MONOPHOSPHATE 'C9 H14 N3 O8 P'
G RNA linking GUANOSINE-5'-MONOPHOSPHATE 'C10 H14 N5 O8 P'
U RNA linking URIDINE-5'-MONOPHOSPHATE 'C9 H13 N2 O9 P'
#
# COMPACT_ATOMS: atom_id res chain seq x y z
N PRO A 52 -26.41 16.44 27.75
CA PRO A 52 -25.19 15.65 27.52
C PRO A 52 -25.18 14.34 28.29
N GLU A 53 -25.63 14.37 29.55
CA GLU A 53 -25.73 13.13 30.32
C GLU A 53 -26.77 12.20 29.71
N GLU A 54 -27.89 12.75 29.24
CA GLU A 54 -28.79 11.97 28.42
C GLU A 54 -28.09 11.46 27.18
N LYS A 55 -27.38 12.34 26.47
CA LYS A 55 -26.63 11.94 25.30
C LYS A 55 -25.53 10.95 25.67
N PHE A 56 -24.86 11.19 26.80
CA PHE A 56 -23.81 10.29 27.25
C PHE A 56 -24.36 8.88 27.45
N LYS A 57 -25.47 8.76 28.17
CA LYS A 57 -26.08 7.46 28.39
C LYS A 57 -26.53 6.83 27.08
N ILE A 58 -27.19 7.59 26.21
CA ILE A 58 -27.71 7.04 24.96
C ILE A 58 -26.59 6.46 24.13
N VAL A 59 -25.54 7.24 23.90
CA VAL A 59 -24.40 6.75 23.12
C VAL A 59 -23.77 5.56 23.83
N ARG A 60 -23.58 5.67 25.15
CA ARG A 60 -22.95 4.59 25.92
C ARG A 60 -23.68 3.27 25.71
N SER A 61 -25.01 3.30 25.74
CA SER A 61 -25.80 2.08 25.64
C SER A 61 -25.58 1.35 24.33
N VAL A 62 -25.06 2.03 23.30
CA VAL A 62 -24.86 1.37 22.03
C VAL A 62 -23.88 0.22 22.17
N GLY A 63 -22.77 0.45 22.85
CA GLY A 63 -21.70 -0.52 22.94
C GLY A 63 -21.59 -1.16 24.31
N GLU A 64 -21.17 -2.43 24.31
CA GLU A 64 -20.93 -3.12 25.59
C GLU A 64 -19.76 -2.51 26.33
N GLU A 65 -18.69 -2.15 25.62
CA GLU A 65 -17.54 -1.48 26.20
C GLU A 65 -17.44 -0.07 25.63
N CYS A 66 -17.38 0.92 26.52
CA CYS A 66 -17.24 2.31 26.14
C CYS A 66 -16.07 2.90 26.93
N ILE A 67 -15.15 3.54 26.22
CA ILE A 67 -13.78 3.69 26.69
C ILE A 67 -13.47 5.18 26.82
N GLN A 68 -12.74 5.55 27.86
CA GLN A 68 -12.49 6.96 28.12
C GLN A 68 -13.83 7.66 28.21
N GLU A 69 -14.71 7.16 29.09
CA GLU A 69 -16.05 7.74 29.20
C GLU A 69 -15.96 9.22 29.51
N ASP A 70 -14.89 9.65 30.20
CA ASP A 70 -14.65 11.07 30.38
C ASP A 70 -14.52 11.77 29.05
N GLU A 71 -13.70 11.23 28.15
CA GLU A 71 -13.51 11.83 26.83
C GLU A 71 -14.82 11.86 26.06
N LEU A 72 -15.61 10.78 26.13
CA LEU A 72 -16.89 10.75 25.43
C LEU A 72 -17.83 11.82 25.95
N LEU A 73 -17.93 11.95 27.27
CA LEU A 73 -18.79 12.98 27.85
C LEU A 73 -18.31 14.36 27.43
N ASN A 74 -17.00 14.58 27.45
CA ASN A 74 -16.46 15.85 26.99
C ASN A 74 -16.87 16.13 25.56
N LEU A 75 -16.71 15.14 24.68
CA LEU A 75 -17.04 15.33 23.26
C LEU A 75 -18.51 15.66 23.09
N LEU A 76 -19.38 14.90 23.75
CA LEU A 76 -20.81 15.16 23.62
C LEU A 76 -21.16 16.54 24.13
N THR A 77 -20.50 17.00 25.19
CA THR A 77 -20.77 18.33 25.70
C THR A 77 -20.27 19.42 24.75
N LYS A 78 -19.09 19.23 24.18
CA LYS A 78 -18.45 20.29 23.39
C LYS A 78 -18.77 20.22 21.91
N LYS A 79 -19.04 19.03 21.37
CA LYS A 79 -19.36 18.90 19.95
C LYS A 79 -20.84 18.60 19.79
N PRO A 80 -21.65 19.54 19.28
CA PRO A 80 -23.07 19.24 19.10
C PRO A 80 -23.35 18.06 18.20
N GLU A 81 -22.52 17.86 17.16
CA GLU A 81 -22.74 16.81 16.16
C GLU A 81 -21.46 16.01 15.98
N PRO A 82 -21.16 15.09 16.90
CA PRO A 82 -20.01 14.19 16.71
C PRO A 82 -20.23 13.20 15.57
N VAL A 83 -19.13 12.69 15.04
CA VAL A 83 -19.11 11.90 13.82
C VAL A 83 -18.98 10.41 14.17
N CYS A 84 -19.95 9.61 13.73
CA CYS A 84 -19.91 8.16 13.86
C CYS A 84 -19.72 7.52 12.49
N TYR A 85 -19.26 6.27 12.48
CA TYR A 85 -19.16 5.49 11.24
C TYR A 85 -19.11 4.01 11.57
N ASP A 86 -19.29 3.19 10.52
CA ASP A 86 -18.99 1.76 10.57
C ASP A 86 -18.35 1.34 9.27
N GLY A 87 -17.35 0.47 9.39
CA GLY A 87 -16.67 -0.11 8.24
C GLY A 87 -16.92 -1.59 8.21
N PHE A 88 -17.49 -2.06 7.10
CA PHE A 88 -17.94 -3.44 6.94
C PHE A 88 -17.59 -3.91 5.54
N GLU A 89 -17.04 -5.10 5.42
CA GLU A 89 -16.77 -5.67 4.11
C GLU A 89 -18.08 -6.23 3.52
N PRO A 90 -18.55 -5.73 2.36
CA PRO A 90 -19.72 -6.34 1.71
C PRO A 90 -19.40 -7.71 1.14
N SER A 91 -19.51 -8.74 1.99
CA SER A 91 -19.02 -10.08 1.67
C SER A 91 -20.15 -11.08 1.39
N GLY A 92 -21.36 -10.61 1.07
CA GLY A 92 -22.44 -11.49 0.72
C GLY A 92 -23.72 -11.18 1.47
N ARG A 93 -24.52 -12.20 1.72
CA ARG A 93 -25.81 -12.04 2.36
C ARG A 93 -25.64 -11.38 3.72
N MET A 94 -26.58 -10.52 4.07
CA MET A 94 -26.54 -9.85 5.36
C MET A 94 -27.28 -10.71 6.36
N HIS A 95 -26.63 -11.03 7.47
CA HIS A 95 -27.29 -11.70 8.57
C HIS A 95 -27.81 -10.67 9.57
N ILE A 96 -28.60 -11.15 10.53
CA ILE A 96 -29.38 -10.26 11.38
C ILE A 96 -28.48 -9.42 12.27
N ALA A 97 -27.47 -10.05 12.90
CA ALA A 97 -26.62 -9.32 13.83
C ALA A 97 -25.96 -8.12 13.16
N GLN A 98 -25.72 -8.21 11.85
CA GLN A 98 -25.00 -7.15 11.15
C GLN A 98 -25.95 -6.06 10.68
N GLY A 99 -27.16 -6.44 10.29
CA GLY A 99 -28.14 -5.46 9.85
C GLY A 99 -28.90 -4.79 10.98
N VAL A 100 -29.62 -5.61 11.76
CA VAL A 100 -30.60 -5.09 12.70
C VAL A 100 -29.91 -4.45 13.90
N MET A 101 -28.92 -5.13 14.47
CA MET A 101 -28.22 -4.56 15.62
C MET A 101 -27.55 -3.24 15.25
N LYS A 102 -26.95 -3.20 14.06
CA LYS A 102 -26.31 -1.97 13.60
C LYS A 102 -27.35 -0.88 13.39
N THR A 103 -28.51 -1.23 12.84
CA THR A 103 -29.57 -0.23 12.69
C THR A 103 -30.00 0.30 14.05
N ILE A 104 -30.17 -0.60 15.03
CA ILE A 104 -30.55 -0.15 16.37
C ILE A 104 -29.52 0.84 16.89
N SER A 105 -28.24 0.49 16.81
CA SER A 105 -27.21 1.36 17.37
C SER A 105 -27.16 2.70 16.64
N VAL A 106 -27.16 2.67 15.31
CA VAL A 106 -27.00 3.90 14.55
C VAL A 106 -28.20 4.82 14.77
N ASN A 107 -29.41 4.25 14.78
CA ASN A 107 -30.59 5.05 15.06
C ASN A 107 -30.56 5.63 16.46
N LYS A 108 -30.18 4.81 17.45
CA LYS A 108 -30.10 5.31 18.82
C LYS A 108 -29.06 6.40 18.95
N LEU A 109 -28.00 6.34 18.14
CA LEU A 109 -27.00 7.40 18.13
C LEU A 109 -27.52 8.67 17.46
N THR A 110 -28.17 8.53 16.31
CA THR A 110 -28.68 9.71 15.61
C THR A 110 -29.71 10.44 16.45
N SER A 111 -30.50 9.71 17.24
CA SER A 111 -31.41 10.38 18.17
C SER A 111 -30.62 11.24 19.16
N ALA A 112 -29.38 10.86 19.45
CA ALA A 112 -28.50 11.69 20.28
C ALA A 112 -27.94 12.88 19.51
N GLY A 113 -28.35 13.08 18.27
CA GLY A 113 -27.85 14.17 17.45
C GLY A 113 -26.61 13.85 16.66
N CYS A 114 -26.14 12.60 16.70
CA CYS A 114 -24.86 12.25 16.10
C CYS A 114 -24.99 12.01 14.59
N ARG A 115 -23.94 12.37 13.87
CA ARG A 115 -23.83 12.08 12.45
C ARG A 115 -23.08 10.78 12.24
N VAL A 116 -23.61 9.92 11.38
CA VAL A 116 -23.07 8.58 11.18
C VAL A 116 -22.67 8.44 9.72
N LYS A 117 -21.43 8.01 9.49
CA LYS A 117 -20.90 7.77 8.15
C LYS A 117 -20.74 6.28 7.93
N ILE A 118 -21.61 5.69 7.13
CA ILE A 118 -21.57 4.26 6.86
C ILE A 118 -20.50 4.03 5.79
N TRP A 119 -19.43 3.33 6.17
CA TRP A 119 -18.28 3.14 5.29
C TRP A 119 -18.54 1.92 4.42
N ILE A 120 -18.82 2.15 3.15
CA ILE A 120 -18.96 1.08 2.17
C ILE A 120 -17.58 0.58 1.78
N ALA A 121 -17.16 -0.56 2.36
CA ALA A 121 -15.78 -1.03 2.27
C ALA A 121 -15.58 -1.91 1.04
N ASP A 122 -15.71 -1.29 -0.15
CA ASP A 122 -15.56 -2.05 -1.39
C ASP A 122 -14.08 -2.34 -1.69
N TRP A 123 -13.25 -1.30 -1.65
CA TRP A 123 -11.83 -1.48 -1.93
C TRP A 123 -11.19 -2.38 -0.87
N PHE A 124 -11.54 -2.15 0.39
CA PHE A 124 -11.10 -3.02 1.47
C PHE A 124 -11.59 -4.43 1.28
N ALA A 125 -12.83 -4.60 0.85
CA ALA A 125 -13.35 -5.95 0.62
C ALA A 125 -12.56 -6.64 -0.47
N LYS A 126 -12.22 -5.91 -1.53
CA LYS A 126 -11.38 -6.45 -2.59
C LYS A 126 -10.03 -6.88 -2.01
N LEU A 127 -9.47 -6.08 -1.10
CA LEU A 127 -8.27 -6.53 -0.40
C LEU A 127 -8.49 -7.91 0.22
N ASN A 128 -9.68 -8.16 0.75
CA ASN A 128 -10.00 -9.43 1.40
C ASN A 128 -10.54 -10.48 0.44
N ASN A 129 -10.51 -10.22 -0.88
CA ASN A 129 -10.80 -11.23 -1.89
C ASN A 129 -12.25 -11.69 -1.85
N LYS A 130 -13.14 -10.89 -1.29
CA LYS A 130 -14.56 -11.25 -1.27
C LYS A 130 -15.11 -11.33 -2.68
N MET A 131 -15.94 -12.35 -2.92
CA MET A 131 -16.44 -12.64 -4.26
C MET A 131 -15.28 -12.84 -5.23
N GLY A 132 -14.17 -13.36 -4.71
CA GLY A 132 -12.94 -13.42 -5.48
C GLY A 132 -12.32 -12.07 -5.74
N GLY A 133 -12.66 -11.06 -4.94
CA GLY A 133 -12.11 -9.73 -5.13
C GLY A 133 -12.69 -8.96 -6.30
N ASP A 134 -13.77 -9.42 -6.90
CA ASP A 134 -14.36 -8.76 -8.07
C ASP A 134 -15.08 -7.51 -7.60
N LEU A 135 -14.59 -6.34 -8.04
CA LEU A 135 -15.17 -5.09 -7.58
C LEU A 135 -16.61 -4.92 -8.02
N LYS A 136 -16.98 -5.47 -9.19
CA LYS A 136 -18.37 -5.33 -9.63
C LYS A 136 -19.33 -6.09 -8.71
N LYS A 137 -18.99 -7.34 -8.38
CA LYS A 137 -19.82 -8.09 -7.43
C LYS A 137 -19.82 -7.42 -6.06
N ILE A 138 -18.68 -6.84 -5.67
CA ILE A 138 -18.61 -6.10 -4.41
C ILE A 138 -19.60 -4.94 -4.42
N GLU A 139 -19.64 -4.19 -5.53
CA GLU A 139 -20.58 -3.07 -5.62
C GLU A 139 -22.03 -3.55 -5.59
N THR A 140 -22.32 -4.64 -6.28
CA THR A 140 -23.68 -5.17 -6.28
C THR A 140 -24.09 -5.58 -4.87
N VAL A 141 -23.19 -6.26 -4.16
CA VAL A 141 -23.47 -6.65 -2.77
C VAL A 141 -23.67 -5.42 -1.91
N GLY A 142 -22.89 -4.36 -2.16
CA GLY A 142 -23.06 -3.13 -1.40
C GLY A 142 -24.42 -2.50 -1.61
N ARG A 143 -24.89 -2.47 -2.86
CA ARG A 143 -26.23 -1.94 -3.13
C ARG A 143 -27.29 -2.80 -2.45
N TYR A 144 -27.12 -4.12 -2.51
CA TYR A 144 -27.96 -5.03 -1.74
C TYR A 144 -28.02 -4.63 -0.27
N LEU A 145 -26.86 -4.44 0.36
CA LEU A 145 -26.84 -4.17 1.79
C LEU A 145 -27.46 -2.80 2.10
N ILE A 146 -27.22 -1.80 1.25
CA ILE A 146 -27.79 -0.48 1.49
C ILE A 146 -29.31 -0.53 1.46
N GLU A 147 -29.87 -1.15 0.42
CA GLU A 147 -31.32 -1.29 0.38
C GLU A 147 -31.82 -2.16 1.54
N ILE A 148 -30.97 -3.05 2.06
CA ILE A 148 -31.35 -3.80 3.24
C ILE A 148 -31.52 -2.85 4.42
N TRP A 149 -30.54 -1.97 4.65
CA TRP A 149 -30.66 -1.09 5.81
C TRP A 149 -31.90 -0.22 5.65
N LYS A 150 -32.10 0.29 4.43
CA LYS A 150 -33.25 1.14 4.15
C LYS A 150 -34.54 0.41 4.51
N ALA A 151 -34.64 -0.87 4.13
CA ALA A 151 -35.83 -1.63 4.45
C ALA A 151 -35.98 -1.86 5.96
N VAL A 152 -34.88 -2.08 6.67
CA VAL A 152 -34.99 -2.49 8.07
C VAL A 152 -35.31 -1.32 9.01
N GLY A 153 -35.27 -0.07 8.52
CA GLY A 153 -35.66 1.05 9.37
C GLY A 153 -34.57 2.06 9.72
N MET A 154 -33.67 2.35 8.79
CA MET A 154 -32.67 3.37 9.02
C MET A 154 -33.27 4.77 8.98
N ASP A 155 -32.80 5.63 9.89
CA ASP A 155 -33.08 7.06 9.86
C ASP A 155 -32.13 7.83 8.94
N VAL A 156 -32.16 7.53 7.63
CA VAL A 156 -31.41 8.36 6.68
C VAL A 156 -32.19 9.62 6.34
N GLU A 157 -33.51 9.54 6.28
CA GLU A 157 -34.32 10.70 5.92
C GLU A 157 -34.14 11.82 6.94
N GLY A 158 -33.72 11.48 8.16
CA GLY A 158 -33.35 12.50 9.13
C GLY A 158 -32.09 13.25 8.76
N GLY A 159 -31.37 12.81 7.73
CA GLY A 159 -30.17 13.49 7.30
C GLY A 159 -28.96 13.28 8.17
N LYS A 160 -29.01 12.34 9.11
CA LYS A 160 -27.92 12.10 10.04
C LYS A 160 -27.11 10.86 9.71
N VAL A 161 -27.48 10.11 8.67
CA VAL A 161 -26.79 8.89 8.27
C VAL A 161 -26.22 9.09 6.88
N GLU A 162 -24.94 8.75 6.70
CA GLU A 162 -24.26 8.94 5.43
C GLU A 162 -23.62 7.63 4.97
N PHE A 163 -23.91 7.24 3.73
CA PHE A 163 -23.25 6.12 3.08
C PHE A 163 -22.14 6.65 2.18
N LEU A 164 -20.92 6.18 2.40
CA LEU A 164 -19.75 6.65 1.67
C LEU A 164 -19.00 5.47 1.08
N TRP A 165 -18.49 5.65 -0.14
CA TRP A 165 -17.80 4.59 -0.87
C TRP A 165 -16.30 4.74 -0.70
N SER A 166 -15.65 3.66 -0.23
CA SER A 166 -14.21 3.72 0.03
C SER A 166 -13.43 3.99 -1.24
N SER A 167 -13.71 3.23 -2.31
CA SER A 167 -13.01 3.45 -3.56
C SER A 167 -13.26 4.86 -4.08
N LYS A 168 -14.52 5.28 -4.11
CA LYS A 168 -14.86 6.59 -4.65
C LYS A 168 -14.21 7.72 -3.85
N GLU A 169 -14.38 7.71 -2.53
CA GLU A 169 -13.85 8.79 -1.71
C GLU A 169 -12.33 8.78 -1.71
N ILE A 170 -11.71 7.61 -1.65
CA ILE A 170 -10.25 7.55 -1.65
C ILE A 170 -9.70 8.06 -2.98
N ASN A 171 -10.32 7.69 -4.10
CA ASN A 171 -9.88 8.22 -5.38
C ASN A 171 -10.08 9.73 -5.47
N ALA A 172 -11.21 10.22 -4.97
CA ALA A 172 -11.47 11.66 -5.02
C ALA A 172 -10.51 12.45 -4.15
N ARG A 173 -9.91 11.81 -3.14
CA ARG A 173 -8.99 12.48 -2.22
C ARG A 173 -7.80 11.58 -1.92
N ALA A 174 -7.25 10.93 -2.95
CA ALA A 174 -6.16 9.99 -2.74
C ALA A 174 -4.94 10.68 -2.16
N ASP A 175 -4.66 11.91 -2.59
CA ASP A 175 -3.55 12.66 -2.02
C ASP A 175 -3.68 12.79 -0.52
N GLU A 176 -4.91 12.90 -0.02
CA GLU A 176 -5.15 13.01 1.41
C GLU A 176 -5.01 11.66 2.10
N TYR A 177 -5.37 10.57 1.41
CA TYR A 177 -5.43 9.26 2.05
C TYR A 177 -4.08 8.56 2.10
N TRP A 178 -3.47 8.37 0.94
CA TRP A 178 -2.29 7.51 0.82
C TRP A 178 -1.16 7.90 1.78
N PRO A 179 -0.87 9.19 1.94
CA PRO A 179 0.18 9.57 2.90
C PRO A 179 -0.10 9.05 4.30
N LEU A 180 -1.37 9.08 4.71
CA LEU A 180 -1.72 8.61 6.05
C LEU A 180 -1.43 7.12 6.20
N VAL A 181 -1.84 6.31 5.22
CA VAL A 181 -1.56 4.89 5.27
C VAL A 181 -0.06 4.65 5.34
N LEU A 182 0.70 5.40 4.54
CA LEU A 182 2.15 5.30 4.63
C LEU A 182 2.61 5.56 6.05
N ASP A 183 2.17 6.68 6.63
CA ASP A 183 2.62 7.04 7.96
C ASP A 183 2.30 5.95 8.97
N ILE A 184 1.09 5.39 8.87
CA ILE A 184 0.71 4.29 9.77
C ILE A 184 1.66 3.12 9.59
N ALA A 185 2.04 2.87 8.34
CA ALA A 185 3.03 1.83 8.07
C ALA A 185 4.35 2.14 8.75
N GLN A 186 4.75 3.42 8.75
CA GLN A 186 6.05 3.78 9.29
C GLN A 186 6.09 3.62 10.80
N LYS A 187 5.21 4.33 11.49
CA LYS A 187 5.28 4.41 12.94
C LYS A 187 5.00 3.07 13.59
N ASN A 188 4.47 2.12 12.86
CA ASN A 188 4.16 0.80 13.38
C ASN A 188 4.97 -0.25 12.63
N ASN A 189 5.67 -1.09 13.38
CA ASN A 189 6.40 -2.19 12.80
C ASN A 189 5.45 -3.10 12.03
N LEU A 190 6.03 -4.07 11.32
CA LEU A 190 5.22 -5.14 10.77
C LEU A 190 4.39 -5.80 11.85
N LYS A 191 5.02 -6.20 12.95
CA LYS A 191 4.35 -7.06 13.92
C LYS A 191 3.07 -6.41 14.43
N ARG A 192 3.07 -5.10 14.56
CA ARG A 192 1.88 -4.41 15.06
C ARG A 192 0.74 -4.46 14.04
N ILE A 193 1.08 -4.28 12.76
CA ILE A 193 0.07 -4.33 11.71
C ILE A 193 -0.48 -5.73 11.56
N ILE A 194 0.39 -6.73 11.63
CA ILE A 194 -0.08 -8.11 11.65
C ILE A 194 -0.95 -8.33 12.89
N ARG A 195 -0.57 -7.70 14.00
CA ARG A 195 -1.44 -7.62 15.17
C ARG A 195 -2.68 -6.80 14.88
N CYS A 196 -2.70 -6.09 13.76
CA CYS A 196 -3.94 -5.53 13.27
C CYS A 196 -4.58 -6.42 12.20
N SER A 197 -4.22 -7.70 12.19
CA SER A 197 -4.76 -8.64 11.21
C SER A 197 -6.27 -8.80 11.33
N GLN A 198 -6.80 -8.88 12.56
CA GLN A 198 -8.18 -9.33 12.76
C GLN A 198 -9.17 -8.52 11.96
N ILE A 199 -8.92 -7.22 11.79
CA ILE A 199 -9.92 -6.37 11.14
C ILE A 199 -10.19 -6.85 9.73
N MET A 200 -9.50 -7.90 9.29
CA MET A 200 -9.96 -8.73 8.18
C MET A 200 -10.41 -10.10 8.67
N GLY A 201 -9.76 -10.61 9.71
CA GLY A 201 -10.29 -11.70 10.49
C GLY A 201 -9.33 -12.77 11.03
N ARG A 202 -8.36 -13.26 10.26
CA ARG A 202 -7.57 -14.39 10.76
C ARG A 202 -6.64 -13.96 11.89
N SER A 203 -6.08 -14.96 12.55
CA SER A 203 -5.07 -14.80 13.57
C SER A 203 -3.72 -14.45 12.94
N GLU A 204 -2.75 -14.11 13.79
CA GLU A 204 -1.44 -13.69 13.31
C GLU A 204 -0.68 -14.81 12.61
N GLN A 205 -1.07 -16.06 12.82
CA GLN A 205 -0.31 -17.20 12.30
C GLN A 205 -0.60 -17.51 10.84
N ASP A 206 -1.78 -17.18 10.33
CA ASP A 206 -2.11 -17.56 8.97
C ASP A 206 -1.27 -16.79 7.97
N GLU A 207 -1.09 -17.40 6.80
CA GLU A 207 -0.21 -16.86 5.77
C GLU A 207 -0.64 -15.46 5.40
N LEU A 208 0.32 -14.54 5.38
CA LEU A 208 0.06 -13.14 5.07
C LEU A 208 0.77 -12.70 3.80
N THR A 209 -0.02 -12.10 2.90
CA THR A 209 0.51 -11.43 1.72
C THR A 209 0.60 -9.94 2.00
N ALA A 210 1.29 -9.23 1.10
CA ALA A 210 1.54 -7.82 1.36
C ALA A 210 0.26 -6.99 1.31
N ALA A 211 -0.69 -7.34 0.43
CA ALA A 211 -1.95 -6.60 0.41
C ALA A 211 -2.66 -6.70 1.75
N GLN A 212 -2.54 -7.87 2.36
CA GLN A 212 -3.09 -8.13 3.67
C GLN A 212 -2.38 -7.31 4.73
N ILE A 213 -1.24 -6.73 4.38
CA ILE A 213 -0.55 -5.81 5.28
C ILE A 213 -0.92 -4.36 4.96
N PHE A 214 -1.23 -4.04 3.70
CA PHE A 214 -1.89 -2.75 3.46
C PHE A 214 -3.11 -2.60 4.33
N TYR A 215 -3.96 -3.63 4.38
CA TYR A 215 -5.32 -3.43 4.86
C TYR A 215 -5.38 -2.73 6.21
N PRO A 216 -4.68 -3.19 7.26
CA PRO A 216 -4.86 -2.54 8.57
C PRO A 216 -4.50 -1.09 8.57
N CYS A 217 -3.38 -0.74 7.94
CA CYS A 217 -2.99 0.67 7.89
C CYS A 217 -4.00 1.48 7.10
N MET A 218 -4.61 0.86 6.08
CA MET A 218 -5.64 1.54 5.31
C MET A 218 -6.83 1.88 6.18
N GLN A 219 -7.28 0.94 7.01
CA GLN A 219 -8.37 1.27 7.92
C GLN A 219 -7.93 2.31 8.96
N CYS A 220 -6.70 2.21 9.46
CA CYS A 220 -6.27 3.19 10.45
C CYS A 220 -6.19 4.58 9.83
N ALA A 221 -5.92 4.65 8.52
CA ALA A 221 -5.90 5.92 7.83
C ALA A 221 -7.31 6.43 7.58
N ASP A 222 -8.25 5.50 7.33
CA ASP A 222 -9.66 5.86 7.22
C ASP A 222 -10.04 6.81 8.35
N ILE A 223 -9.41 6.63 9.51
CA ILE A 223 -9.75 7.43 10.69
C ILE A 223 -9.63 8.91 10.37
N PHE A 224 -8.41 9.39 10.14
CA PHE A 224 -8.25 10.81 9.92
C PHE A 224 -8.78 11.20 8.55
N PHE A 225 -8.94 10.22 7.66
CA PHE A 225 -9.60 10.52 6.40
C PHE A 225 -11.05 10.94 6.62
N LEU A 226 -11.72 10.38 7.64
CA LEU A 226 -13.13 10.66 7.86
C LEU A 226 -13.41 11.75 8.90
N LYS A 227 -12.41 12.13 9.70
CA LYS A 227 -12.61 13.17 10.72
C LYS A 227 -13.61 12.72 11.79
N ALA A 228 -13.52 11.47 12.21
CA ALA A 228 -14.50 10.92 13.15
C ALA A 228 -14.05 11.13 14.59
N ASP A 229 -15.01 11.47 15.46
CA ASP A 229 -14.73 11.63 16.87
C ASP A 229 -15.07 10.40 17.69
N ILE A 230 -16.14 9.69 17.35
CA ILE A 230 -16.51 8.44 18.00
C ILE A 230 -16.67 7.38 16.93
N CYS A 231 -16.00 6.25 17.11
CA CYS A 231 -16.08 5.15 16.15
C CYS A 231 -16.98 4.07 16.73
N GLN A 232 -18.19 3.99 16.20
CA GLN A 232 -19.13 2.97 16.62
C GLN A 232 -18.97 1.74 15.72
N LEU A 233 -18.31 0.73 16.29
CA LEU A 233 -18.12 -0.55 15.63
C LEU A 233 -18.13 -1.61 16.70
N GLY A 234 -17.89 -2.85 16.28
CA GLY A 234 -17.83 -3.94 17.23
C GLY A 234 -16.54 -3.95 18.03
N MET A 235 -16.54 -4.78 19.08
CA MET A 235 -15.32 -5.07 19.83
C MET A 235 -14.19 -5.48 18.92
N ASP A 236 -14.49 -5.92 17.70
CA ASP A 236 -13.52 -6.64 16.88
C ASP A 236 -12.52 -5.71 16.19
N GLN A 237 -12.75 -4.40 16.16
CA GLN A 237 -11.83 -3.48 15.49
C GLN A 237 -10.70 -3.04 16.42
N ARG A 238 -10.56 -3.72 17.56
CA ARG A 238 -9.96 -3.15 18.75
C ARG A 238 -8.45 -2.92 18.63
N LYS A 239 -7.70 -3.93 18.20
CA LYS A 239 -6.25 -3.73 18.33
C LYS A 239 -5.75 -2.76 17.28
N VAL A 240 -6.36 -2.72 16.10
CA VAL A 240 -6.07 -1.60 15.21
C VAL A 240 -6.59 -0.28 15.79
N ASN A 241 -7.62 -0.32 16.63
CA ASN A 241 -8.02 0.92 17.29
C ASN A 241 -6.85 1.54 18.04
N VAL A 242 -6.15 0.74 18.84
CA VAL A 242 -4.96 1.30 19.50
C VAL A 242 -3.80 1.42 18.54
N LEU A 243 -3.80 0.68 17.44
CA LEU A 243 -2.85 1.01 16.40
C LEU A 243 -2.92 2.49 16.11
N ALA A 244 -4.15 2.98 15.97
CA ALA A 244 -4.37 4.38 15.64
C ALA A 244 -4.08 5.29 16.83
N ARG A 245 -4.45 4.88 18.05
CA ARG A 245 -4.10 5.73 19.20
C ARG A 245 -2.59 5.87 19.33
N GLU A 246 -1.85 4.78 19.13
CA GLU A 246 -0.39 4.83 19.19
C GLU A 246 0.14 5.74 18.08
N TYR A 247 -0.37 5.53 16.87
CA TYR A 247 -0.10 6.43 15.76
C TYR A 247 -0.09 7.88 16.23
N CYS A 248 -1.19 8.34 16.82
CA CYS A 248 -1.27 9.76 17.07
C CYS A 248 -0.61 10.20 18.37
N ASP A 249 -0.61 9.33 19.38
CA ASP A 249 0.26 9.61 20.51
C ASP A 249 1.64 9.95 20.02
N ASP A 250 2.08 9.28 18.95
CA ASP A 250 3.36 9.59 18.36
C ASP A 250 3.36 10.95 17.68
N ILE A 251 2.27 11.35 17.02
CA ILE A 251 2.20 12.69 16.44
C ILE A 251 1.78 13.73 17.47
N LYS A 252 1.46 13.30 18.70
CA LYS A 252 1.18 14.22 19.79
C LYS A 252 0.00 15.13 19.47
N ARG A 253 -1.04 14.58 18.88
CA ARG A 253 -2.28 15.31 18.64
C ARG A 253 -3.01 15.35 19.98
N LYS A 254 -4.22 15.91 20.05
CA LYS A 254 -4.78 16.21 21.36
C LYS A 254 -6.09 15.47 21.68
N ASN A 255 -6.79 14.92 20.69
CA ASN A 255 -8.14 14.37 20.97
C ASN A 255 -8.38 12.99 20.36
N LYS A 256 -8.20 11.90 21.18
CA LYS A 256 -8.46 10.52 20.75
C LYS A 256 -9.97 10.26 20.61
N PRO A 257 -10.40 9.57 19.55
CA PRO A 257 -11.82 9.27 19.41
C PRO A 257 -12.24 8.11 20.28
N ILE A 258 -13.52 8.09 20.62
CA ILE A 258 -14.03 7.06 21.51
C ILE A 258 -14.40 5.82 20.70
N ILE A 259 -14.23 4.66 21.32
CA ILE A 259 -14.74 3.41 20.82
C ILE A 259 -16.12 3.20 21.43
N LEU A 260 -17.02 2.60 20.67
CA LEU A 260 -18.35 2.24 21.17
C LEU A 260 -18.56 0.78 20.77
N SER A 261 -18.00 -0.13 21.55
CA SER A 261 -17.84 -1.53 21.13
C SER A 261 -19.17 -2.27 21.27
N HIS A 262 -19.67 -2.79 20.16
CA HIS A 262 -20.89 -3.56 20.14
C HIS A 262 -20.62 -5.00 20.55
N HIS A 263 -21.61 -5.63 21.19
CA HIS A 263 -21.45 -7.04 21.52
C HIS A 263 -21.32 -7.87 20.25
N MET A 264 -20.48 -8.90 20.30
CA MET A 264 -20.31 -9.82 19.18
C MET A 264 -21.37 -10.91 19.31
N LEU A 265 -22.38 -10.85 18.45
CA LEU A 265 -23.54 -11.72 18.59
C LEU A 265 -23.19 -13.16 18.21
N PRO A 266 -23.45 -14.13 19.07
CA PRO A 266 -23.12 -15.52 18.76
C PRO A 266 -24.01 -16.09 17.66
N GLY A 267 -23.52 -17.15 17.03
CA GLY A 267 -24.33 -17.89 16.08
C GLY A 267 -25.38 -18.73 16.78
N LEU A 268 -26.33 -19.23 15.98
CA LEU A 268 -27.42 -20.03 16.51
C LEU A 268 -26.96 -21.38 17.04
N GLN A 269 -25.73 -21.78 16.77
CA GLN A 269 -25.21 -23.07 17.19
C GLN A 269 -24.36 -22.93 18.45
N GLN A 270 -24.22 -24.03 19.18
CA GLN A 270 -23.45 -24.02 20.40
C GLN A 270 -21.99 -23.68 20.10
N GLY A 271 -21.42 -22.80 20.93
CA GLY A 271 -20.01 -22.47 20.83
C GLY A 271 -19.65 -21.46 19.77
N GLN A 272 -20.63 -20.89 19.07
CA GLN A 272 -20.34 -19.88 18.05
C GLN A 272 -20.37 -18.51 18.70
N GLU A 273 -19.19 -18.01 19.05
CA GLU A 273 -19.07 -16.69 19.68
C GLU A 273 -19.54 -15.57 18.76
N LYS A 274 -19.55 -15.80 17.44
CA LYS A 274 -19.97 -14.80 16.47
C LYS A 274 -20.74 -15.48 15.36
N MET A 275 -21.48 -14.69 14.61
CA MET A 275 -22.12 -15.20 13.40
C MET A 275 -21.10 -15.50 12.32
N SER A 276 -21.40 -16.51 11.53
CA SER A 276 -20.58 -16.92 10.40
C SER A 276 -21.46 -16.98 9.16
N LYS A 277 -21.06 -16.24 8.10
CA LYS A 277 -21.76 -16.36 6.83
C LYS A 277 -21.42 -17.66 6.11
N SER A 278 -20.30 -18.29 6.44
CA SER A 278 -19.99 -19.59 5.88
C SER A 278 -21.00 -20.64 6.30
N ASP A 279 -21.80 -20.36 7.33
CA ASP A 279 -22.85 -21.27 7.80
C ASP A 279 -24.19 -20.55 7.72
N PRO A 280 -24.91 -20.66 6.61
CA PRO A 280 -26.26 -20.08 6.55
C PRO A 280 -27.20 -20.65 7.59
N SER A 281 -26.99 -21.90 8.02
CA SER A 281 -27.86 -22.52 9.00
C SER A 281 -27.72 -21.88 10.37
N SER A 282 -26.53 -21.36 10.70
CA SER A 282 -26.35 -20.61 11.93
C SER A 282 -26.64 -19.13 11.73
N SER A 283 -26.95 -18.72 10.51
CA SER A 283 -27.16 -17.31 10.18
C SER A 283 -28.58 -17.12 9.68
N VAL A 284 -29.34 -16.30 10.41
CA VAL A 284 -30.60 -15.80 9.89
C VAL A 284 -30.26 -14.62 9.00
N PHE A 285 -30.75 -14.66 7.77
CA PHE A 285 -30.51 -13.59 6.83
C PHE A 285 -31.75 -12.72 6.75
N MET A 286 -31.53 -11.41 6.62
CA MET A 286 -32.63 -10.47 6.73
C MET A 286 -33.66 -10.71 5.64
N GLU A 287 -33.28 -11.41 4.59
CA GLU A 287 -34.20 -11.80 3.53
C GLU A 287 -34.72 -13.22 3.72
N ASP A 288 -34.32 -13.90 4.79
CA ASP A 288 -34.81 -15.24 5.05
C ASP A 288 -36.31 -15.22 5.28
N GLU A 289 -37.02 -16.10 4.58
CA GLU A 289 -38.48 -16.15 4.72
C GLU A 289 -38.87 -16.64 6.11
N GLU A 290 -40.15 -16.42 6.43
CA GLU A 290 -40.65 -16.77 7.75
C GLU A 290 -40.31 -18.22 8.09
N ALA A 291 -40.42 -19.11 7.11
CA ALA A 291 -40.05 -20.50 7.34
C ALA A 291 -38.58 -20.62 7.68
N GLU A 292 -37.72 -19.90 6.94
CA GLU A 292 -36.28 -19.96 7.21
C GLU A 292 -35.97 -19.52 8.63
N VAL A 293 -36.52 -18.38 9.03
CA VAL A 293 -36.26 -17.86 10.38
C VAL A 293 -36.76 -18.85 11.42
N ASN A 294 -37.98 -19.36 11.22
CA ASN A 294 -38.55 -20.27 12.20
C ASN A 294 -37.70 -21.52 12.33
N VAL A 295 -37.28 -22.09 11.21
CA VAL A 295 -36.47 -23.30 11.26
C VAL A 295 -35.13 -23.03 11.93
N LYS A 296 -34.48 -21.92 11.57
CA LYS A 296 -33.19 -21.61 12.15
C LYS A 296 -33.29 -21.42 13.66
N ILE A 297 -34.36 -20.76 14.11
CA ILE A 297 -34.57 -20.60 15.55
C ILE A 297 -34.87 -21.95 16.20
N LYS A 298 -35.63 -22.80 15.52
CA LYS A 298 -35.93 -24.11 16.08
C LYS A 298 -34.67 -24.92 16.29
N LYS A 299 -33.78 -24.91 15.29
CA LYS A 299 -32.51 -25.61 15.42
C LYS A 299 -31.49 -24.83 16.23
N ALA A 300 -31.80 -23.59 16.60
CA ALA A 300 -30.87 -22.80 17.39
C ALA A 300 -30.66 -23.43 18.77
N TYR A 301 -29.43 -23.34 19.25
CA TYR A 301 -29.08 -23.86 20.57
C TYR A 301 -29.83 -23.08 21.64
N CYS A 302 -30.48 -23.81 22.56
CA CYS A 302 -31.27 -23.17 23.61
C CYS A 302 -31.56 -24.14 24.74
N PRO A 303 -30.54 -24.62 25.45
CA PRO A 303 -30.76 -25.56 26.54
C PRO A 303 -31.64 -24.95 27.63
N PRO A 304 -32.53 -25.72 28.23
CA PRO A 304 -33.36 -25.18 29.32
C PRO A 304 -32.54 -24.83 30.54
N LYS A 305 -32.94 -23.76 31.22
CA LYS A 305 -32.36 -23.31 32.48
C LYS A 305 -30.87 -22.98 32.39
N VAL A 306 -30.32 -22.91 31.19
CA VAL A 306 -28.91 -22.58 30.98
C VAL A 306 -28.86 -21.30 30.18
N VAL A 307 -28.42 -20.22 30.83
CA VAL A 307 -28.38 -18.91 30.17
C VAL A 307 -27.07 -18.70 29.42
N GLU A 308 -25.95 -19.15 29.99
CA GLU A 308 -24.66 -18.95 29.34
C GLU A 308 -24.63 -19.66 28.00
N GLY A 309 -24.20 -18.92 26.96
CA GLY A 309 -24.07 -19.51 25.65
C GLY A 309 -25.38 -19.90 24.99
N ASN A 310 -26.49 -19.31 25.43
CA ASN A 310 -27.78 -19.60 24.82
C ASN A 310 -28.10 -18.54 23.78
N PRO A 311 -27.78 -18.78 22.51
CA PRO A 311 -27.88 -17.68 21.53
C PRO A 311 -29.28 -17.08 21.41
N CYS A 312 -30.33 -17.84 21.71
CA CYS A 312 -31.67 -17.26 21.65
C CYS A 312 -31.81 -16.13 22.66
N LEU A 313 -31.27 -16.30 23.86
CA LEU A 313 -31.40 -15.26 24.89
C LEU A 313 -30.66 -13.99 24.50
N GLU A 314 -29.44 -14.13 23.97
CA GLU A 314 -28.72 -12.95 23.50
C GLU A 314 -29.42 -12.31 22.31
N TYR A 315 -29.99 -13.14 21.43
CA TYR A 315 -30.77 -12.61 20.31
C TYR A 315 -31.89 -11.74 20.83
N ILE A 316 -32.64 -12.23 21.83
CA ILE A 316 -33.67 -11.42 22.44
C ILE A 316 -33.09 -10.12 22.96
N LYS A 317 -32.04 -10.23 23.79
CA LYS A 317 -31.47 -9.07 24.46
C LYS A 317 -31.11 -7.98 23.46
N TYR A 318 -30.55 -8.37 22.31
CA TYR A 318 -29.93 -7.39 21.44
C TYR A 318 -30.79 -7.04 20.22
N LEU A 319 -31.88 -7.76 19.97
CA LEU A 319 -32.75 -7.44 18.85
C LEU A 319 -34.17 -7.12 19.32
N ILE A 320 -34.77 -7.97 20.16
CA ILE A 320 -36.19 -7.86 20.41
C ILE A 320 -36.48 -6.78 21.44
N LEU A 321 -35.97 -6.94 22.65
CA LEU A 321 -36.16 -5.90 23.66
C LEU A 321 -35.65 -4.55 23.18
N PRO A 322 -34.47 -4.43 22.57
CA PRO A 322 -34.06 -3.14 22.01
C PRO A 322 -34.98 -2.64 20.91
N TRP A 323 -35.56 -3.53 20.10
CA TRP A 323 -36.42 -3.12 19.00
C TRP A 323 -37.86 -2.89 19.46
N PHE A 324 -38.37 -3.77 20.32
CA PHE A 324 -39.77 -3.74 20.72
C PHE A 324 -39.97 -3.27 22.16
N ASN A 325 -38.90 -3.13 22.94
CA ASN A 325 -38.99 -2.70 24.34
C ASN A 325 -39.66 -3.77 25.19
N GLU A 326 -39.98 -4.91 24.57
CA GLU A 326 -40.70 -5.97 25.27
C GLU A 326 -40.53 -7.27 24.50
N PHE A 327 -40.75 -8.38 25.19
CA PHE A 327 -40.72 -9.70 24.58
C PHE A 327 -41.91 -10.49 25.11
N THR A 328 -42.83 -10.85 24.21
CA THR A 328 -44.06 -11.54 24.58
C THR A 328 -43.95 -13.01 24.19
N VAL A 329 -44.11 -13.90 25.17
CA VAL A 329 -44.13 -15.34 24.94
C VAL A 329 -45.58 -15.79 25.02
N GLU A 330 -46.11 -16.28 23.92
CA GLU A 330 -47.49 -16.73 23.85
C GLU A 330 -47.57 -18.19 24.27
N ARG A 331 -48.39 -18.47 25.29
CA ARG A 331 -48.58 -19.81 25.79
C ARG A 331 -50.06 -20.04 26.05
N SER A 332 -50.47 -21.31 26.00
CA SER A 332 -51.84 -21.66 26.31
C SER A 332 -52.13 -21.38 27.78
N ALA A 333 -53.42 -21.25 28.11
CA ALA A 333 -53.80 -21.01 29.49
C ALA A 333 -53.22 -22.07 30.41
N ASP A 334 -53.12 -23.32 29.94
CA ASP A 334 -52.52 -24.38 30.73
C ASP A 334 -51.02 -24.18 30.93
N ASN A 335 -50.35 -23.50 30.00
CA ASN A 335 -48.91 -23.32 30.04
C ASN A 335 -48.51 -21.98 30.64
N GLY A 336 -49.31 -21.43 31.56
CA GLY A 336 -49.03 -20.16 32.16
C GLY A 336 -49.51 -18.96 31.37
N GLY A 337 -50.14 -19.17 30.22
CA GLY A 337 -50.67 -18.08 29.44
C GLY A 337 -49.57 -17.21 28.83
N ASN A 338 -50.02 -16.17 28.13
CA ASN A 338 -49.08 -15.24 27.51
C ASN A 338 -48.33 -14.47 28.60
N LYS A 339 -47.02 -14.31 28.38
CA LYS A 339 -46.18 -13.53 29.28
C LYS A 339 -45.36 -12.56 28.46
N THR A 340 -45.30 -11.31 28.91
CA THR A 340 -44.57 -10.25 28.23
C THR A 340 -43.37 -9.84 29.08
N PHE A 341 -42.19 -9.91 28.49
CA PHE A 341 -40.95 -9.52 29.17
C PHE A 341 -40.54 -8.14 28.68
N LYS A 342 -40.49 -7.19 29.60
CA LYS A 342 -40.03 -5.84 29.29
C LYS A 342 -38.54 -5.68 29.50
N SER A 343 -37.94 -6.50 30.35
CA SER A 343 -36.53 -6.40 30.67
C SER A 343 -35.91 -7.78 30.58
N TYR A 344 -34.62 -7.81 30.27
CA TYR A 344 -33.91 -9.08 30.07
C TYR A 344 -33.78 -9.87 31.36
N GLU A 345 -33.61 -9.18 32.49
CA GLU A 345 -33.44 -9.88 33.77
C GLU A 345 -34.67 -10.70 34.11
N GLU A 346 -35.86 -10.18 33.86
CA GLU A 346 -37.08 -10.95 34.11
C GLU A 346 -37.09 -12.20 33.25
N LEU A 347 -36.71 -12.04 31.99
CA LEU A 347 -36.66 -13.18 31.07
C LEU A 347 -35.72 -14.25 31.59
N ILE A 348 -34.53 -13.85 32.03
CA ILE A 348 -33.56 -14.85 32.51
C ILE A 348 -34.03 -15.46 33.81
N ALA A 349 -34.68 -14.69 34.67
CA ALA A 349 -35.18 -15.26 35.92
C ALA A 349 -36.20 -16.35 35.64
N ASP A 350 -37.15 -16.08 34.75
CA ASP A 350 -38.16 -17.08 34.41
C ASP A 350 -37.51 -18.26 33.67
N TYR A 351 -36.54 -17.99 32.81
CA TYR A 351 -35.90 -19.06 32.04
C TYR A 351 -35.12 -20.01 32.96
N GLU A 352 -34.35 -19.45 33.88
CA GLU A 352 -33.59 -20.27 34.83
C GLU A 352 -34.52 -20.99 35.79
N SER A 353 -35.53 -20.30 36.30
CA SER A 353 -36.49 -20.94 37.20
C SER A 353 -37.27 -22.04 36.49
N GLY A 354 -37.27 -22.03 35.16
CA GLY A 354 -37.97 -23.04 34.40
C GLY A 354 -39.39 -22.69 34.00
N GLU A 355 -39.89 -21.51 34.39
CA GLU A 355 -41.23 -21.11 34.00
C GLU A 355 -41.31 -20.83 32.50
N LEU A 356 -40.24 -20.30 31.92
CA LEU A 356 -40.16 -20.05 30.48
C LEU A 356 -39.32 -21.16 29.85
N HIS A 357 -39.99 -22.08 29.17
CA HIS A 357 -39.29 -23.19 28.55
C HIS A 357 -38.85 -22.81 27.14
N PRO A 358 -37.76 -23.39 26.63
CA PRO A 358 -37.38 -23.10 25.23
C PRO A 358 -38.48 -23.40 24.24
N ALA A 359 -39.36 -24.37 24.54
CA ALA A 359 -40.48 -24.63 23.66
C ALA A 359 -41.40 -23.42 23.52
N ASP A 360 -41.42 -22.55 24.53
CA ASP A 360 -42.19 -21.31 24.45
C ASP A 360 -41.34 -20.15 23.99
N LEU A 361 -40.08 -20.10 24.41
CA LEU A 361 -39.20 -19.00 24.04
C LEU A 361 -38.92 -18.99 22.54
N LYS A 362 -38.61 -20.15 21.97
CA LYS A 362 -38.26 -20.22 20.55
C LYS A 362 -39.40 -19.78 19.65
N PRO A 363 -40.64 -20.25 19.82
CA PRO A 363 -41.71 -19.73 18.97
C PRO A 363 -41.91 -18.23 19.08
N ALA A 364 -41.84 -17.68 20.29
CA ALA A 364 -41.93 -16.23 20.44
C ALA A 364 -40.77 -15.54 19.76
N LEU A 365 -39.56 -16.09 19.91
CA LEU A 365 -38.39 -15.51 19.25
C LEU A 365 -38.56 -15.51 17.74
N SER A 366 -39.02 -16.64 17.18
CA SER A 366 -39.21 -16.74 15.75
C SER A 366 -40.29 -15.77 15.28
N LYS A 367 -41.38 -15.67 16.04
CA LYS A 367 -42.45 -14.74 15.68
C LYS A 367 -41.95 -13.31 15.66
N SER A 368 -41.23 -12.89 16.71
CA SER A 368 -40.73 -11.53 16.76
C SER A 368 -39.70 -11.27 15.67
N LEU A 369 -38.81 -12.22 15.43
CA LEU A 369 -37.81 -12.06 14.38
C LEU A 369 -38.48 -11.95 13.02
N ASN A 370 -39.48 -12.77 12.76
CA ASN A 370 -40.21 -12.69 11.50
C ASN A 370 -40.96 -11.39 11.39
N LYS A 371 -41.47 -10.87 12.49
CA LYS A 371 -42.06 -9.54 12.49
C LYS A 371 -41.04 -8.50 12.09
N ILE A 372 -39.82 -8.60 12.62
CA ILE A 372 -38.77 -7.65 12.30
C ILE A 372 -38.37 -7.76 10.83
N LEU A 373 -38.33 -8.99 10.30
CA LEU A 373 -37.87 -9.21 8.93
C LEU A 373 -38.96 -9.05 7.87
N GLU A 374 -40.23 -9.00 8.27
CA GLU A 374 -41.29 -8.87 7.27
C GLU A 374 -41.16 -7.60 6.43
N PRO A 375 -40.82 -6.44 6.99
CA PRO A 375 -40.63 -5.26 6.12
C PRO A 375 -39.55 -5.47 5.07
N VAL A 376 -38.46 -6.17 5.40
CA VAL A 376 -37.43 -6.43 4.40
C VAL A 376 -37.96 -7.34 3.31
N ARG A 377 -38.71 -8.38 3.69
CA ARG A 377 -39.30 -9.26 2.70
C ARG A 377 -40.24 -8.49 1.79
N GLU A 378 -41.08 -7.62 2.37
CA GLU A 378 -42.00 -6.84 1.57
C GLU A 378 -41.26 -5.88 0.63
N HIS A 379 -40.20 -5.23 1.13
CA HIS A 379 -39.41 -4.34 0.29
C HIS A 379 -38.81 -5.09 -0.89
N PHE A 380 -38.13 -6.21 -0.62
CA PHE A 380 -37.49 -6.96 -1.70
C PHE A 380 -38.51 -7.69 -2.56
N ARG A 381 -39.76 -7.79 -2.11
CA ARG A 381 -40.83 -8.31 -2.96
C ARG A 381 -41.39 -7.23 -3.88
N LYS A 382 -41.45 -6.00 -3.41
CA LYS A 382 -42.10 -4.92 -4.15
C LYS A 382 -41.14 -4.13 -5.03
N ASP A 383 -39.93 -3.84 -4.55
CA ASP A 383 -38.98 -3.03 -5.30
C ASP A 383 -38.26 -3.90 -6.33
N SER A 384 -38.36 -3.52 -7.60
CA SER A 384 -37.70 -4.29 -8.66
C SER A 384 -36.18 -4.27 -8.50
N ASN A 385 -35.60 -3.10 -8.23
CA ASN A 385 -34.15 -3.01 -8.12
C ASN A 385 -33.66 -3.80 -6.92
N ALA A 386 -34.36 -3.71 -5.79
CA ALA A 386 -34.00 -4.49 -4.62
C ALA A 386 -34.09 -5.98 -4.91
N LYS A 387 -35.13 -6.41 -5.63
CA LYS A 387 -35.28 -7.82 -5.95
C LYS A 387 -34.14 -8.29 -6.84
N GLU A 388 -33.77 -7.49 -7.83
CA GLU A 388 -32.65 -7.87 -8.70
C GLU A 388 -31.35 -7.97 -7.91
N LEU A 389 -31.11 -7.01 -7.01
CA LEU A 389 -29.93 -7.06 -6.17
C LEU A 389 -29.94 -8.31 -5.30
N LEU A 390 -31.11 -8.66 -4.76
CA LEU A 390 -31.22 -9.86 -3.95
C LEU A 390 -30.91 -11.11 -4.78
N LYS A 391 -31.45 -11.17 -6.00
CA LYS A 391 -31.16 -12.31 -6.87
C LYS A 391 -29.66 -12.45 -7.11
N ARG A 392 -29.00 -11.34 -7.46
CA ARG A 392 -27.57 -11.41 -7.76
C ARG A 392 -26.75 -11.75 -6.53
N VAL A 393 -27.09 -11.17 -5.37
CA VAL A 393 -26.30 -11.46 -4.16
C VAL A 393 -26.48 -12.91 -3.74
N LYS A 394 -27.71 -13.43 -3.76
CA LYS A 394 -27.89 -14.84 -3.47
C LYS A 394 -27.20 -15.71 -4.51
N ALA A 395 -27.04 -15.21 -5.74
CA ALA A 395 -26.36 -15.96 -6.78
C ALA A 395 -24.85 -15.97 -6.62
N TYR A 396 -24.30 -15.10 -5.77
CA TYR A 396 -22.85 -15.04 -5.59
C TYR A 396 -22.40 -16.05 -4.55
N ARG A 397 -21.37 -16.83 -4.90
CA ARG A 397 -20.78 -17.77 -3.95
C ARG A 397 -19.98 -17.01 -2.89
N VAL A 398 -20.35 -17.19 -1.63
CA VAL A 398 -19.64 -16.53 -0.55
C VAL A 398 -18.24 -17.13 -0.48
N THR A 399 -17.24 -16.36 -0.89
CA THR A 399 -15.88 -16.84 -1.02
C THR A 399 -15.11 -16.57 0.26
N LYS A 400 -14.49 -17.60 0.82
CA LYS A 400 -13.54 -17.37 1.89
C LYS A 400 -12.26 -16.89 1.22
N PRO B 52 19.04 -6.07 -37.01
CA PRO B 52 18.78 -6.34 -35.60
C PRO B 52 20.06 -6.81 -34.92
N GLU B 53 21.03 -7.28 -35.69
CA GLU B 53 22.20 -7.84 -35.02
C GLU B 53 22.98 -6.81 -34.23
N GLU B 54 23.37 -5.74 -34.90
CA GLU B 54 23.98 -4.63 -34.22
C GLU B 54 23.15 -4.21 -33.02
N LYS B 55 21.83 -4.31 -33.11
CA LYS B 55 21.00 -3.78 -32.04
C LYS B 55 21.22 -4.56 -30.75
N PHE B 56 21.21 -5.90 -30.82
CA PHE B 56 21.39 -6.65 -29.58
C PHE B 56 22.78 -6.43 -29.05
N LYS B 57 23.74 -6.21 -29.94
CA LYS B 57 25.07 -5.80 -29.47
C LYS B 57 25.01 -4.46 -28.73
N ILE B 58 24.39 -3.46 -29.35
CA ILE B 58 24.33 -2.09 -28.82
C ILE B 58 23.69 -2.08 -27.44
N VAL B 59 22.59 -2.81 -27.30
CA VAL B 59 21.82 -2.80 -26.05
C VAL B 59 22.50 -3.67 -25.00
N ARG B 60 22.92 -4.88 -25.39
CA ARG B 60 23.61 -5.77 -24.47
C ARG B 60 24.87 -5.12 -23.91
N SER B 61 25.49 -4.23 -24.69
CA SER B 61 26.59 -3.42 -24.19
C SER B 61 26.17 -2.47 -23.09
N VAL B 62 24.87 -2.24 -22.94
CA VAL B 62 24.40 -1.32 -21.91
C VAL B 62 24.60 -1.93 -20.53
N GLY B 63 24.23 -3.20 -20.37
CA GLY B 63 24.31 -3.88 -19.09
C GLY B 63 25.32 -5.01 -19.11
N GLU B 64 25.92 -5.27 -17.94
CA GLU B 64 26.84 -6.39 -17.81
C GLU B 64 26.10 -7.72 -17.72
N GLU B 65 24.93 -7.72 -17.09
CA GLU B 65 24.10 -8.91 -16.93
C GLU B 65 22.81 -8.73 -17.73
N CYS B 66 22.54 -9.70 -18.60
CA CYS B 66 21.33 -9.71 -19.42
C CYS B 66 20.69 -11.09 -19.32
N ILE B 67 19.48 -11.13 -18.80
CA ILE B 67 18.78 -12.39 -18.53
C ILE B 67 17.89 -12.70 -19.73
N GLN B 68 17.92 -13.95 -20.18
CA GLN B 68 17.16 -14.38 -21.36
C GLN B 68 17.56 -13.60 -22.60
N GLU B 69 18.81 -13.80 -23.04
CA GLU B 69 19.32 -13.07 -24.21
C GLU B 69 18.48 -13.36 -25.45
N ASP B 70 18.00 -14.60 -25.61
CA ASP B 70 17.24 -14.96 -26.79
C ASP B 70 15.94 -14.15 -26.87
N GLU B 71 15.26 -13.99 -25.74
CA GLU B 71 14.02 -13.22 -25.73
C GLU B 71 14.26 -11.76 -26.05
N LEU B 72 15.35 -11.19 -25.53
CA LEU B 72 15.72 -9.82 -25.91
C LEU B 72 15.96 -9.73 -27.41
N LEU B 73 16.65 -10.71 -27.98
CA LEU B 73 16.84 -10.72 -29.42
C LEU B 73 15.50 -10.75 -30.14
N ASN B 74 14.58 -11.58 -29.66
CA ASN B 74 13.27 -11.67 -30.27
C ASN B 74 12.57 -10.31 -30.21
N LEU B 75 12.64 -9.64 -29.06
CA LEU B 75 11.99 -8.34 -28.91
C LEU B 75 12.58 -7.33 -29.87
N LEU B 76 13.90 -7.26 -29.94
CA LEU B 76 14.52 -6.34 -30.88
C LEU B 76 14.10 -6.65 -32.29
N THR B 77 14.04 -7.93 -32.64
CA THR B 77 13.65 -8.30 -34.00
C THR B 77 12.21 -7.88 -34.28
N LYS B 78 11.29 -8.14 -33.36
CA LYS B 78 9.88 -8.05 -33.71
C LYS B 78 9.25 -6.69 -33.39
N LYS B 79 9.47 -6.14 -32.19
CA LYS B 79 8.78 -4.91 -31.80
C LYS B 79 9.74 -3.74 -32.06
N PRO B 80 9.45 -2.91 -33.07
CA PRO B 80 10.47 -1.97 -33.60
C PRO B 80 11.03 -1.00 -32.57
N GLU B 81 10.28 -0.60 -31.57
CA GLU B 81 10.74 0.42 -30.62
C GLU B 81 10.57 -0.10 -29.19
N PRO B 82 11.47 -0.97 -28.73
CA PRO B 82 11.36 -1.43 -27.34
C PRO B 82 11.42 -0.25 -26.37
N VAL B 83 10.77 -0.41 -25.23
CA VAL B 83 10.69 0.64 -24.21
C VAL B 83 11.58 0.22 -23.05
N CYS B 84 12.55 1.05 -22.70
CA CYS B 84 13.43 0.82 -21.57
C CYS B 84 13.13 1.84 -20.48
N TYR B 85 13.53 1.53 -19.24
CA TYR B 85 13.27 2.41 -18.11
C TYR B 85 14.32 2.22 -17.03
N ASP B 86 14.44 3.24 -16.18
CA ASP B 86 15.09 3.09 -14.89
C ASP B 86 14.44 4.04 -13.88
N GLY B 87 14.54 3.69 -12.61
CA GLY B 87 13.94 4.46 -11.54
C GLY B 87 15.01 5.29 -10.85
N PHE B 88 14.65 6.52 -10.50
CA PHE B 88 15.61 7.49 -9.96
C PHE B 88 14.97 8.19 -8.77
N GLU B 89 15.35 7.79 -7.57
CA GLU B 89 14.88 8.47 -6.37
C GLU B 89 15.66 9.76 -6.17
N PRO B 90 15.02 10.93 -6.20
CA PRO B 90 15.77 12.18 -6.03
C PRO B 90 16.24 12.40 -4.59
N SER B 91 17.41 11.84 -4.24
CA SER B 91 17.87 11.79 -2.86
C SER B 91 19.00 12.77 -2.58
N GLY B 92 19.23 13.74 -3.46
CA GLY B 92 20.23 14.77 -3.24
C GLY B 92 21.23 14.82 -4.39
N ARG B 93 22.44 15.29 -4.05
CA ARG B 93 23.48 15.40 -5.05
C ARG B 93 23.72 14.03 -5.69
N MET B 94 23.71 14.01 -7.02
CA MET B 94 23.85 12.76 -7.76
C MET B 94 25.30 12.59 -8.23
N HIS B 95 25.87 11.42 -7.95
CA HIS B 95 27.26 11.15 -8.30
C HIS B 95 27.38 10.66 -9.75
N ILE B 96 28.63 10.49 -10.19
CA ILE B 96 28.91 10.33 -11.62
C ILE B 96 28.30 9.04 -12.19
N ALA B 97 28.44 7.91 -11.50
CA ALA B 97 27.92 6.67 -12.06
C ALA B 97 26.46 6.82 -12.40
N GLN B 98 25.78 7.72 -11.71
CA GLN B 98 24.39 8.02 -11.96
C GLN B 98 24.22 8.84 -13.24
N GLY B 99 25.09 9.84 -13.45
CA GLY B 99 24.98 10.67 -14.62
C GLY B 99 25.60 10.16 -15.90
N VAL B 100 26.93 10.03 -15.90
CA VAL B 100 27.67 9.78 -17.14
C VAL B 100 27.38 8.37 -17.65
N MET B 101 27.48 7.38 -16.77
CA MET B 101 27.27 6.00 -17.20
C MET B 101 25.86 5.81 -17.74
N LYS B 102 24.88 6.43 -17.08
CA LYS B 102 23.50 6.31 -17.52
C LYS B 102 23.26 7.07 -18.81
N THR B 103 23.87 8.24 -18.98
CA THR B 103 23.77 8.93 -20.25
C THR B 103 24.33 8.08 -21.38
N ILE B 104 25.48 7.45 -21.13
CA ILE B 104 26.07 6.56 -22.11
C ILE B 104 25.11 5.42 -22.44
N SER B 105 24.52 4.81 -21.41
CA SER B 105 23.63 3.67 -21.62
C SER B 105 22.39 4.09 -22.42
N VAL B 106 21.76 5.20 -22.04
CA VAL B 106 20.54 5.63 -22.71
C VAL B 106 20.84 6.02 -24.15
N ASN B 107 22.01 6.62 -24.38
CA ASN B 107 22.40 6.93 -25.75
C ASN B 107 22.63 5.67 -26.57
N LYS B 108 23.23 4.63 -25.96
CA LYS B 108 23.36 3.37 -26.68
C LYS B 108 21.99 2.80 -27.03
N LEU B 109 21.05 2.87 -26.09
CA LEU B 109 19.72 2.32 -26.34
C LEU B 109 19.01 3.09 -27.44
N THR B 110 18.98 4.43 -27.35
CA THR B 110 18.27 5.22 -28.34
C THR B 110 18.92 5.11 -29.72
N SER B 111 20.24 5.04 -29.77
CA SER B 111 20.91 4.80 -31.04
C SER B 111 20.49 3.46 -31.62
N ALA B 112 20.15 2.50 -30.76
CA ALA B 112 19.58 1.22 -31.21
C ALA B 112 18.10 1.35 -31.53
N GLY B 113 17.49 2.50 -31.29
CA GLY B 113 16.09 2.72 -31.59
C GLY B 113 15.12 2.51 -30.45
N CYS B 114 15.61 2.43 -29.21
CA CYS B 114 14.75 2.16 -28.07
C CYS B 114 14.18 3.44 -27.48
N ARG B 115 12.94 3.34 -26.97
CA ARG B 115 12.33 4.41 -26.20
C ARG B 115 12.63 4.20 -24.72
N VAL B 116 13.21 5.21 -24.09
CA VAL B 116 13.68 5.10 -22.71
C VAL B 116 12.87 6.06 -21.86
N LYS B 117 12.22 5.52 -20.83
CA LYS B 117 11.43 6.30 -19.89
C LYS B 117 12.22 6.49 -18.61
N ILE B 118 12.52 7.74 -18.28
CA ILE B 118 13.27 8.08 -17.08
C ILE B 118 12.26 8.30 -15.96
N TRP B 119 12.15 7.32 -15.06
CA TRP B 119 11.14 7.33 -14.03
C TRP B 119 11.66 8.16 -12.86
N ILE B 120 11.19 9.40 -12.76
CA ILE B 120 11.55 10.26 -11.64
C ILE B 120 10.70 9.82 -10.46
N ALA B 121 11.26 8.92 -9.65
CA ALA B 121 10.46 8.17 -8.67
C ALA B 121 10.37 8.91 -7.34
N ASP B 122 9.52 9.94 -7.33
CA ASP B 122 9.43 10.79 -6.14
C ASP B 122 8.85 10.02 -4.94
N TRP B 123 7.71 9.34 -5.10
CA TRP B 123 7.18 8.66 -3.92
C TRP B 123 8.12 7.56 -3.46
N PHE B 124 8.91 6.99 -4.35
CA PHE B 124 9.95 6.10 -3.90
C PHE B 124 10.94 6.82 -3.00
N ALA B 125 11.29 8.05 -3.35
CA ALA B 125 12.17 8.83 -2.49
C ALA B 125 11.54 9.06 -1.12
N LYS B 126 10.27 9.45 -1.08
CA LYS B 126 9.60 9.68 0.20
C LYS B 126 9.41 8.38 0.98
N LEU B 127 9.09 7.28 0.28
CA LEU B 127 8.97 5.98 0.93
C LEU B 127 10.27 5.59 1.62
N ASN B 128 11.41 6.01 1.06
CA ASN B 128 12.71 5.83 1.69
C ASN B 128 13.11 7.06 2.51
N ASN B 129 12.13 7.84 2.94
CA ASN B 129 12.33 9.03 3.77
C ASN B 129 13.52 9.87 3.33
N LYS B 130 13.66 10.10 2.02
CA LYS B 130 14.66 11.05 1.55
C LYS B 130 14.25 12.48 1.89
N MET B 131 15.26 13.30 2.20
CA MET B 131 15.06 14.72 2.41
C MET B 131 14.04 14.98 3.52
N GLY B 132 14.00 14.08 4.50
CA GLY B 132 12.93 14.14 5.48
C GLY B 132 11.57 13.86 4.90
N GLY B 133 11.52 13.27 3.70
CA GLY B 133 10.26 13.00 3.05
C GLY B 133 9.55 14.20 2.48
N ASP B 134 10.26 15.30 2.23
CA ASP B 134 9.63 16.56 1.82
C ASP B 134 9.29 16.53 0.34
N LEU B 135 8.03 16.77 0.01
CA LEU B 135 7.60 16.81 -1.39
C LEU B 135 8.35 17.86 -2.18
N LYS B 136 8.45 19.09 -1.66
CA LYS B 136 8.96 20.19 -2.46
C LYS B 136 10.47 20.10 -2.66
N LYS B 137 11.21 19.75 -1.61
CA LYS B 137 12.65 19.54 -1.78
C LYS B 137 12.92 18.42 -2.77
N ILE B 138 12.10 17.37 -2.73
CA ILE B 138 12.29 16.24 -3.63
C ILE B 138 12.00 16.67 -5.07
N GLU B 139 10.96 17.48 -5.27
CA GLU B 139 10.68 18.01 -6.60
C GLU B 139 11.83 18.87 -7.10
N THR B 140 12.39 19.71 -6.21
CA THR B 140 13.53 20.52 -6.59
C THR B 140 14.70 19.64 -7.00
N VAL B 141 14.94 18.56 -6.25
CA VAL B 141 16.05 17.66 -6.57
C VAL B 141 15.81 16.98 -7.91
N GLY B 142 14.57 16.58 -8.18
CA GLY B 142 14.27 15.97 -9.47
C GLY B 142 14.49 16.93 -10.63
N ARG B 143 14.09 18.19 -10.45
CA ARG B 143 14.37 19.19 -11.46
C ARG B 143 15.87 19.37 -11.66
N TYR B 144 16.63 19.36 -10.56
CA TYR B 144 18.09 19.38 -10.64
C TYR B 144 18.61 18.23 -11.48
N LEU B 145 18.11 17.02 -11.24
CA LEU B 145 18.58 15.85 -11.98
C LEU B 145 18.26 15.97 -13.46
N ILE B 146 17.04 16.41 -13.79
CA ILE B 146 16.67 16.57 -15.19
C ILE B 146 17.58 17.60 -15.87
N GLU B 147 17.87 18.69 -15.18
CA GLU B 147 18.75 19.71 -15.74
C GLU B 147 20.14 19.15 -15.98
N ILE B 148 20.66 18.37 -15.03
CA ILE B 148 21.99 17.78 -15.22
C ILE B 148 21.99 16.82 -16.39
N TRP B 149 20.93 16.04 -16.55
CA TRP B 149 20.89 15.10 -17.65
C TRP B 149 20.83 15.83 -19.00
N LYS B 150 20.03 16.89 -19.08
CA LYS B 150 20.00 17.68 -20.31
C LYS B 150 21.38 18.27 -20.60
N ALA B 151 22.06 18.75 -19.56
CA ALA B 151 23.37 19.37 -19.77
C ALA B 151 24.44 18.34 -20.16
N VAL B 152 24.42 17.15 -19.56
CA VAL B 152 25.52 16.21 -19.74
C VAL B 152 25.54 15.59 -21.14
N GLY B 153 24.48 15.77 -21.92
CA GLY B 153 24.46 15.29 -23.29
C GLY B 153 23.47 14.16 -23.52
N MET B 154 22.43 14.10 -22.70
CA MET B 154 21.38 13.11 -22.90
C MET B 154 20.53 13.49 -24.11
N ASP B 155 20.24 12.50 -24.96
CA ASP B 155 19.50 12.75 -26.18
C ASP B 155 18.03 13.00 -25.90
N VAL B 156 17.73 14.05 -25.15
CA VAL B 156 16.34 14.43 -24.92
C VAL B 156 15.74 15.02 -26.20
N GLU B 157 16.52 15.82 -26.93
CA GLU B 157 16.00 16.47 -28.13
C GLU B 157 15.63 15.45 -29.20
N GLY B 158 16.16 14.23 -29.11
CA GLY B 158 15.83 13.22 -30.09
C GLY B 158 14.38 12.79 -30.06
N GLY B 159 13.63 13.20 -29.04
CA GLY B 159 12.23 12.81 -28.93
C GLY B 159 12.04 11.38 -28.49
N LYS B 160 13.12 10.68 -28.12
CA LYS B 160 13.06 9.30 -27.69
C LYS B 160 13.17 9.13 -26.18
N VAL B 161 13.49 10.19 -25.45
CA VAL B 161 13.60 10.16 -23.99
C VAL B 161 12.46 10.99 -23.41
N GLU B 162 11.65 10.37 -22.56
CA GLU B 162 10.57 11.04 -21.84
C GLU B 162 10.82 10.91 -20.35
N PHE B 163 10.82 12.04 -19.66
CA PHE B 163 11.01 12.09 -18.22
C PHE B 163 9.64 12.10 -17.56
N LEU B 164 9.39 11.16 -16.67
CA LEU B 164 8.07 10.99 -16.07
C LEU B 164 8.14 11.12 -14.56
N TRP B 165 7.12 11.74 -13.99
CA TRP B 165 6.95 11.84 -12.55
C TRP B 165 6.02 10.74 -12.07
N SER B 166 6.44 10.04 -11.03
CA SER B 166 5.57 9.03 -10.46
C SER B 166 4.30 9.65 -9.92
N SER B 167 4.41 10.78 -9.23
CA SER B 167 3.22 11.36 -8.62
C SER B 167 2.22 11.80 -9.66
N LYS B 168 2.62 12.70 -10.55
CA LYS B 168 1.69 13.13 -11.58
C LYS B 168 1.21 11.97 -12.43
N GLU B 169 2.14 11.17 -12.97
CA GLU B 169 1.70 10.12 -13.88
C GLU B 169 0.76 9.14 -13.18
N ILE B 170 1.17 8.60 -12.02
CA ILE B 170 0.36 7.59 -11.34
C ILE B 170 -0.91 8.20 -10.79
N ASN B 171 -0.84 9.45 -10.30
CA ASN B 171 -2.05 10.13 -9.88
C ASN B 171 -3.05 10.18 -11.02
N ALA B 172 -2.56 10.32 -12.26
CA ALA B 172 -3.47 10.38 -13.39
C ALA B 172 -4.18 9.05 -13.68
N ARG B 173 -3.55 7.91 -13.37
CA ARG B 173 -4.15 6.62 -13.71
C ARG B 173 -4.18 5.71 -12.48
N ALA B 174 -4.62 6.25 -11.35
CA ALA B 174 -4.62 5.47 -10.10
C ALA B 174 -5.36 4.15 -10.26
N ASP B 175 -6.48 4.15 -10.97
CA ASP B 175 -7.27 2.94 -11.13
C ASP B 175 -6.50 1.83 -11.82
N GLU B 176 -5.64 2.17 -12.79
CA GLU B 176 -4.84 1.15 -13.46
C GLU B 176 -3.78 0.58 -12.54
N TYR B 177 -3.19 1.43 -11.70
CA TYR B 177 -2.02 1.06 -10.91
C TYR B 177 -2.42 0.30 -9.65
N TRP B 178 -3.22 0.92 -8.79
CA TRP B 178 -3.36 0.45 -7.43
C TRP B 178 -3.86 -0.99 -7.40
N PRO B 179 -4.80 -1.39 -8.27
CA PRO B 179 -5.16 -2.81 -8.32
C PRO B 179 -3.97 -3.71 -8.58
N LEU B 180 -3.06 -3.28 -9.45
CA LEU B 180 -1.89 -4.10 -9.75
C LEU B 180 -0.97 -4.20 -8.54
N VAL B 181 -0.80 -3.09 -7.81
CA VAL B 181 0.00 -3.15 -6.60
C VAL B 181 -0.64 -4.09 -5.60
N LEU B 182 -1.95 -4.00 -5.45
CA LEU B 182 -2.65 -4.89 -4.55
C LEU B 182 -2.44 -6.33 -4.98
N ASP B 183 -2.45 -6.58 -6.29
CA ASP B 183 -2.31 -7.93 -6.79
C ASP B 183 -0.91 -8.47 -6.54
N ILE B 184 0.12 -7.68 -6.85
CA ILE B 184 1.49 -8.12 -6.59
C ILE B 184 1.68 -8.36 -5.10
N ALA B 185 1.17 -7.45 -4.28
CA ALA B 185 1.28 -7.59 -2.84
C ALA B 185 0.55 -8.84 -2.36
N GLN B 186 -0.59 -9.15 -2.99
CA GLN B 186 -1.37 -10.32 -2.59
C GLN B 186 -0.70 -11.61 -3.04
N LYS B 187 -0.02 -11.57 -4.18
CA LYS B 187 0.58 -12.77 -4.75
C LYS B 187 1.99 -13.01 -4.25
N ASN B 188 2.49 -12.14 -3.39
CA ASN B 188 3.81 -12.28 -2.81
C ASN B 188 3.71 -12.24 -1.28
N ASN B 189 4.24 -13.28 -0.64
CA ASN B 189 4.34 -13.26 0.80
C ASN B 189 5.28 -12.15 1.24
N LEU B 190 5.30 -11.90 2.54
CA LEU B 190 6.16 -10.85 3.05
C LEU B 190 7.63 -11.12 2.73
N LYS B 191 8.11 -12.34 3.02
CA LYS B 191 9.55 -12.58 2.96
C LYS B 191 10.11 -12.28 1.57
N ARG B 192 9.36 -12.65 0.52
CA ARG B 192 9.80 -12.32 -0.83
C ARG B 192 9.91 -10.81 -1.02
N ILE B 193 8.95 -10.05 -0.48
CA ILE B 193 8.99 -8.61 -0.61
C ILE B 193 10.20 -8.03 0.14
N ILE B 194 10.46 -8.56 1.34
CA ILE B 194 11.57 -8.06 2.15
C ILE B 194 12.90 -8.35 1.45
N ARG B 195 13.02 -9.52 0.82
CA ARG B 195 14.26 -9.84 0.12
C ARG B 195 14.59 -8.79 -0.92
N CYS B 196 13.60 -8.09 -1.44
CA CYS B 196 13.81 -7.08 -2.46
C CYS B 196 14.21 -5.73 -1.87
N SER B 197 14.37 -5.62 -0.55
CA SER B 197 14.64 -4.32 0.05
C SER B 197 15.90 -3.68 -0.49
N GLN B 198 16.81 -4.48 -1.04
CA GLN B 198 18.08 -3.94 -1.53
C GLN B 198 17.88 -2.99 -2.70
N ILE B 199 16.70 -3.00 -3.33
CA ILE B 199 16.42 -1.98 -4.35
C ILE B 199 16.46 -0.60 -3.72
N MET B 200 16.07 -0.52 -2.45
CA MET B 200 16.01 0.72 -1.68
C MET B 200 17.33 1.06 -1.01
N GLY B 201 18.31 0.16 -1.08
CA GLY B 201 19.53 0.33 -0.32
C GLY B 201 19.43 -0.07 1.14
N ARG B 202 18.45 -0.91 1.48
CA ARG B 202 18.30 -1.40 2.84
C ARG B 202 18.41 -2.91 2.87
N SER B 203 19.05 -3.42 3.91
CA SER B 203 19.20 -4.85 4.09
C SER B 203 17.92 -5.44 4.67
N GLU B 204 17.81 -6.77 4.59
CA GLU B 204 16.65 -7.43 5.18
C GLU B 204 16.65 -7.34 6.70
N GLN B 205 17.80 -7.08 7.31
CA GLN B 205 17.89 -6.94 8.75
C GLN B 205 17.53 -5.54 9.22
N ASP B 206 17.44 -4.58 8.31
CA ASP B 206 17.03 -3.23 8.69
C ASP B 206 15.61 -3.25 9.22
N GLU B 207 15.35 -2.41 10.21
CA GLU B 207 13.98 -2.27 10.70
C GLU B 207 13.17 -1.61 9.60
N LEU B 208 12.43 -2.40 8.84
CA LEU B 208 11.75 -1.92 7.66
C LEU B 208 10.35 -1.45 8.02
N THR B 209 10.08 -0.19 7.74
CA THR B 209 8.73 0.32 7.87
C THR B 209 7.82 -0.40 6.90
N ALA B 210 6.53 -0.49 7.26
CA ALA B 210 5.60 -1.15 6.37
C ALA B 210 5.59 -0.51 4.99
N ALA B 211 5.96 0.77 4.88
CA ALA B 211 6.20 1.35 3.57
C ALA B 211 7.46 0.81 2.94
N GLN B 212 8.49 0.57 3.74
CA GLN B 212 9.66 -0.12 3.25
C GLN B 212 9.36 -1.56 2.90
N ILE B 213 8.16 -2.04 3.27
CA ILE B 213 7.69 -3.34 2.82
C ILE B 213 6.90 -3.21 1.51
N PHE B 214 6.08 -2.17 1.41
CA PHE B 214 5.30 -1.97 0.18
C PHE B 214 6.19 -1.58 -0.99
N TYR B 215 7.30 -0.90 -0.73
CA TYR B 215 8.10 -0.31 -1.80
C TYR B 215 8.41 -1.28 -2.93
N PRO B 216 8.88 -2.51 -2.67
CA PRO B 216 9.04 -3.46 -3.77
C PRO B 216 7.78 -3.67 -4.56
N CYS B 217 6.62 -3.64 -3.91
CA CYS B 217 5.37 -3.83 -4.64
C CYS B 217 5.18 -2.73 -5.68
N MET B 218 5.32 -1.47 -5.29
CA MET B 218 5.10 -0.39 -6.24
C MET B 218 6.17 -0.40 -7.33
N GLN B 219 7.43 -0.66 -6.93
CA GLN B 219 8.51 -0.61 -7.92
C GLN B 219 8.40 -1.76 -8.92
N CYS B 220 7.99 -2.94 -8.46
CA CYS B 220 7.67 -4.02 -9.37
C CYS B 220 6.50 -3.65 -10.26
N ALA B 221 5.48 -3.02 -9.69
CA ALA B 221 4.29 -2.70 -10.46
C ALA B 221 4.59 -1.74 -11.59
N ASP B 222 5.39 -0.71 -11.31
CA ASP B 222 5.74 0.27 -12.34
C ASP B 222 6.18 -0.43 -13.62
N ILE B 223 6.76 -1.62 -13.48
CA ILE B 223 7.19 -2.39 -14.64
C ILE B 223 6.02 -2.62 -15.59
N PHE B 224 4.84 -2.88 -15.04
CA PHE B 224 3.69 -3.20 -15.87
C PHE B 224 2.81 -1.97 -16.08
N PHE B 225 2.72 -1.10 -15.08
CA PHE B 225 2.12 0.22 -15.28
C PHE B 225 2.68 0.91 -16.50
N LEU B 226 4.00 0.93 -16.63
CA LEU B 226 4.64 1.62 -17.73
C LEU B 226 4.68 0.78 -19.00
N LYS B 227 4.22 -0.47 -18.94
CA LYS B 227 4.23 -1.36 -20.10
C LYS B 227 5.67 -1.56 -20.60
N ALA B 228 6.57 -1.82 -19.66
CA ALA B 228 7.99 -1.83 -19.95
C ALA B 228 8.42 -3.11 -20.66
N ASP B 229 9.42 -2.98 -21.54
CA ASP B 229 9.96 -4.14 -22.26
C ASP B 229 11.34 -4.55 -21.78
N ILE B 230 12.22 -3.59 -21.49
CA ILE B 230 13.56 -3.88 -21.02
C ILE B 230 13.75 -3.17 -19.69
N CYS B 231 14.09 -3.94 -18.65
CA CYS B 231 14.44 -3.36 -17.36
C CYS B 231 15.93 -3.08 -17.36
N GLN B 232 16.29 -1.88 -17.80
CA GLN B 232 17.68 -1.43 -17.78
C GLN B 232 17.87 -0.68 -16.48
N LEU B 233 18.42 -1.39 -15.49
CA LEU B 233 18.64 -0.84 -14.16
C LEU B 233 19.93 -1.41 -13.60
N GLY B 234 20.22 -1.05 -12.36
CA GLY B 234 21.42 -1.54 -11.71
C GLY B 234 21.27 -2.95 -11.19
N MET B 235 22.37 -3.45 -10.62
CA MET B 235 22.35 -4.75 -9.95
C MET B 235 21.27 -4.80 -8.88
N ASP B 236 21.16 -3.76 -8.06
CA ASP B 236 20.32 -3.82 -6.87
C ASP B 236 18.84 -3.93 -7.21
N GLN B 237 18.45 -3.58 -8.43
CA GLN B 237 17.08 -3.74 -8.87
C GLN B 237 16.77 -5.15 -9.34
N ARG B 238 17.77 -6.04 -9.30
CA ARG B 238 17.60 -7.38 -9.83
C ARG B 238 16.53 -8.16 -9.06
N LYS B 239 16.50 -8.01 -7.74
CA LYS B 239 15.53 -8.78 -6.95
C LYS B 239 14.09 -8.37 -7.26
N VAL B 240 13.81 -7.07 -7.36
CA VAL B 240 12.45 -6.66 -7.69
C VAL B 240 12.13 -7.00 -9.13
N ASN B 241 13.13 -6.98 -10.02
CA ASN B 241 12.89 -7.40 -11.40
C ASN B 241 12.51 -8.87 -11.46
N VAL B 242 13.18 -9.71 -10.67
CA VAL B 242 12.81 -11.12 -10.58
C VAL B 242 11.43 -11.25 -9.95
N LEU B 243 11.13 -10.37 -8.99
CA LEU B 243 9.78 -10.34 -8.43
C LEU B 243 8.75 -10.11 -9.54
N ALA B 244 9.06 -9.21 -10.47
CA ALA B 244 8.17 -8.93 -11.59
C ALA B 244 8.04 -10.13 -12.53
N ARG B 245 9.14 -10.81 -12.84
CA ARG B 245 9.01 -11.98 -13.71
C ARG B 245 8.22 -13.10 -13.04
N GLU B 246 8.49 -13.37 -11.76
CA GLU B 246 7.73 -14.39 -11.06
C GLU B 246 6.26 -13.98 -10.97
N TYR B 247 5.99 -12.68 -10.89
CA TYR B 247 4.61 -12.21 -10.96
C TYR B 247 4.00 -12.51 -12.31
N CYS B 248 4.72 -12.22 -13.39
CA CYS B 248 4.23 -12.59 -14.72
C CYS B 248 3.93 -14.08 -14.78
N ASP B 249 4.77 -14.90 -14.16
CA ASP B 249 4.50 -16.33 -14.08
C ASP B 249 3.20 -16.58 -13.34
N ASP B 250 2.97 -15.84 -12.25
CA ASP B 250 1.73 -15.99 -11.49
C ASP B 250 0.54 -15.57 -12.33
N ILE B 251 0.64 -14.46 -13.06
CA ILE B 251 -0.45 -13.95 -13.87
C ILE B 251 -0.36 -14.45 -15.32
N LYS B 252 0.54 -15.38 -15.60
CA LYS B 252 0.56 -16.11 -16.87
C LYS B 252 0.65 -15.18 -18.08
N ARG B 253 1.35 -14.06 -17.94
CA ARG B 253 1.66 -13.20 -19.08
C ARG B 253 2.89 -13.74 -19.80
N LYS B 254 2.70 -14.17 -21.05
CA LYS B 254 3.78 -14.79 -21.80
C LYS B 254 4.95 -13.84 -21.98
N ASN B 255 4.67 -12.57 -22.27
CA ASN B 255 5.71 -11.60 -22.60
C ASN B 255 6.33 -11.09 -21.30
N LYS B 256 7.42 -11.72 -20.87
CA LYS B 256 8.13 -11.25 -19.70
C LYS B 256 9.08 -10.13 -20.07
N PRO B 257 9.35 -9.20 -19.15
CA PRO B 257 10.24 -8.09 -19.47
C PRO B 257 11.69 -8.53 -19.54
N ILE B 258 12.42 -7.94 -20.49
CA ILE B 258 13.86 -8.21 -20.58
C ILE B 258 14.58 -7.47 -19.46
N ILE B 259 15.61 -8.10 -18.91
CA ILE B 259 16.34 -7.56 -17.77
C ILE B 259 17.75 -7.24 -18.20
N LEU B 260 18.15 -5.99 -18.00
CA LEU B 260 19.48 -5.48 -18.34
C LEU B 260 20.04 -4.78 -17.11
N SER B 261 20.73 -5.53 -16.26
CA SER B 261 21.24 -4.99 -15.01
C SER B 261 22.65 -4.44 -15.22
N HIS B 262 22.87 -3.20 -14.80
CA HIS B 262 24.10 -2.49 -15.10
C HIS B 262 25.15 -2.69 -14.00
N HIS B 263 26.41 -2.51 -14.39
CA HIS B 263 27.50 -2.64 -13.43
C HIS B 263 27.41 -1.55 -12.37
N MET B 264 27.76 -1.91 -11.14
CA MET B 264 27.64 -1.01 -9.99
C MET B 264 28.98 -0.31 -9.80
N LEU B 265 29.00 1.01 -10.00
CA LEU B 265 30.26 1.72 -10.05
C LEU B 265 30.78 1.95 -8.63
N PRO B 266 32.01 1.54 -8.33
CA PRO B 266 32.47 1.54 -6.93
C PRO B 266 32.77 2.93 -6.40
N GLY B 267 32.84 3.01 -5.08
CA GLY B 267 33.29 4.23 -4.44
C GLY B 267 34.78 4.44 -4.62
N LEU B 268 35.19 5.71 -4.53
CA LEU B 268 36.56 6.07 -4.82
C LEU B 268 37.55 5.49 -3.82
N GLN B 269 37.11 5.06 -2.65
CA GLN B 269 38.00 4.50 -1.65
C GLN B 269 38.08 2.99 -1.82
N GLN B 270 39.13 2.41 -1.24
CA GLN B 270 39.34 0.97 -1.34
C GLN B 270 38.14 0.22 -0.78
N GLY B 271 37.69 -0.80 -1.52
CA GLY B 271 36.65 -1.69 -1.05
C GLY B 271 35.24 -1.16 -1.14
N GLN B 272 35.04 0.01 -1.75
CA GLN B 272 33.72 0.60 -1.89
C GLN B 272 33.08 0.04 -3.15
N GLU B 273 32.25 -0.99 -2.98
CA GLU B 273 31.58 -1.59 -4.13
C GLU B 273 30.71 -0.59 -4.88
N LYS B 274 30.26 0.48 -4.21
CA LYS B 274 29.41 1.46 -4.85
C LYS B 274 29.63 2.83 -4.20
N MET B 275 29.59 3.87 -5.04
CA MET B 275 29.59 5.22 -4.52
C MET B 275 28.34 5.50 -3.72
N SER B 276 28.54 6.15 -2.57
CA SER B 276 27.48 6.49 -1.64
C SER B 276 27.40 8.01 -1.53
N LYS B 277 26.18 8.54 -1.61
CA LYS B 277 25.99 9.97 -1.43
C LYS B 277 26.45 10.43 -0.05
N SER B 278 26.57 9.50 0.90
CA SER B 278 26.98 9.83 2.27
C SER B 278 28.45 10.18 2.39
N ASP B 279 29.27 9.77 1.44
CA ASP B 279 30.71 10.04 1.48
C ASP B 279 31.09 10.84 0.24
N PRO B 280 30.96 12.17 0.29
CA PRO B 280 31.19 12.97 -0.92
C PRO B 280 32.58 12.79 -1.50
N SER B 281 33.59 12.54 -0.66
CA SER B 281 34.94 12.32 -1.18
C SER B 281 35.05 11.03 -1.96
N SER B 282 34.24 10.03 -1.62
CA SER B 282 34.30 8.75 -2.31
C SER B 282 33.47 8.70 -3.58
N SER B 283 32.65 9.72 -3.82
CA SER B 283 31.76 9.76 -4.96
C SER B 283 32.01 11.05 -5.71
N VAL B 284 32.15 10.94 -7.03
CA VAL B 284 32.31 12.13 -7.85
C VAL B 284 30.93 12.68 -8.13
N PHE B 285 30.69 13.90 -7.69
CA PHE B 285 29.45 14.58 -8.03
C PHE B 285 29.63 15.32 -9.34
N MET B 286 28.59 15.28 -10.16
CA MET B 286 28.70 15.84 -11.50
C MET B 286 28.98 17.33 -11.44
N GLU B 287 28.71 17.96 -10.30
CA GLU B 287 29.01 19.37 -10.14
C GLU B 287 30.30 19.60 -9.34
N ASP B 288 31.07 18.55 -9.08
CA ASP B 288 32.35 18.72 -8.40
C ASP B 288 33.30 19.52 -9.30
N GLU B 289 33.99 20.49 -8.71
CA GLU B 289 34.80 21.43 -9.48
C GLU B 289 36.11 20.78 -9.93
N GLU B 290 36.71 21.40 -10.95
CA GLU B 290 38.03 20.99 -11.42
C GLU B 290 38.91 20.54 -10.27
N ALA B 291 39.21 21.47 -9.36
CA ALA B 291 40.14 21.17 -8.29
C ALA B 291 39.63 20.02 -7.44
N GLU B 292 38.32 19.99 -7.17
CA GLU B 292 37.82 18.92 -6.33
C GLU B 292 37.86 17.59 -7.06
N VAL B 293 37.50 17.57 -8.34
CA VAL B 293 37.77 16.38 -9.14
C VAL B 293 39.18 15.92 -8.90
N ASN B 294 40.12 16.86 -9.01
CA ASN B 294 41.52 16.51 -8.88
C ASN B 294 41.80 15.93 -7.51
N VAL B 295 41.26 16.57 -6.48
CA VAL B 295 41.55 16.17 -5.11
C VAL B 295 41.02 14.77 -4.86
N LYS B 296 39.76 14.54 -5.21
CA LYS B 296 39.19 13.22 -5.00
C LYS B 296 39.99 12.18 -5.75
N ILE B 297 40.25 12.42 -7.04
CA ILE B 297 40.99 11.43 -7.80
C ILE B 297 42.31 11.15 -7.14
N LYS B 298 43.07 12.19 -6.83
CA LYS B 298 44.33 11.96 -6.15
C LYS B 298 44.11 11.10 -4.94
N LYS B 299 43.08 11.41 -4.16
CA LYS B 299 42.68 10.60 -3.02
C LYS B 299 42.07 9.29 -3.44
N ALA B 300 41.64 9.17 -4.69
CA ALA B 300 41.07 7.92 -5.15
C ALA B 300 42.09 6.80 -5.03
N TYR B 301 41.59 5.64 -4.61
CA TYR B 301 42.44 4.46 -4.48
C TYR B 301 42.91 4.01 -5.86
N CYS B 302 44.20 3.73 -5.99
CA CYS B 302 44.72 3.29 -7.29
C CYS B 302 46.07 2.61 -7.12
N PRO B 303 46.12 1.43 -6.51
CA PRO B 303 47.40 0.75 -6.24
C PRO B 303 48.12 0.38 -7.53
N PRO B 304 49.44 0.53 -7.59
CA PRO B 304 50.17 0.18 -8.81
C PRO B 304 50.11 -1.30 -9.10
N LYS B 305 50.07 -1.63 -10.40
CA LYS B 305 50.08 -3.00 -10.90
C LYS B 305 48.94 -3.85 -10.35
N VAL B 306 47.98 -3.25 -9.66
CA VAL B 306 46.84 -3.96 -9.12
C VAL B 306 45.60 -3.41 -9.80
N VAL B 307 44.99 -4.23 -10.66
CA VAL B 307 43.79 -3.82 -11.37
C VAL B 307 42.55 -4.15 -10.56
N GLU B 308 42.52 -5.33 -9.93
CA GLU B 308 41.36 -5.73 -9.14
C GLU B 308 41.12 -4.72 -8.02
N GLY B 309 39.87 -4.30 -7.88
CA GLY B 309 39.52 -3.33 -6.86
C GLY B 309 40.16 -1.98 -7.04
N ASN B 310 40.72 -1.71 -8.21
CA ASN B 310 41.29 -0.40 -8.47
C ASN B 310 40.23 0.48 -9.10
N PRO B 311 39.60 1.38 -8.35
CA PRO B 311 38.48 2.14 -8.91
C PRO B 311 38.85 2.93 -10.15
N CYS B 312 40.01 3.59 -10.16
CA CYS B 312 40.30 4.50 -11.26
C CYS B 312 40.19 3.79 -12.60
N LEU B 313 40.77 2.58 -12.69
CA LEU B 313 40.64 1.79 -13.91
C LEU B 313 39.18 1.51 -14.24
N GLU B 314 38.37 1.23 -13.22
CA GLU B 314 36.97 0.90 -13.47
C GLU B 314 36.21 2.11 -14.02
N TYR B 315 36.38 3.28 -13.40
CA TYR B 315 35.73 4.47 -13.93
C TYR B 315 36.20 4.75 -15.35
N ILE B 316 37.50 4.61 -15.61
CA ILE B 316 37.96 4.70 -16.99
C ILE B 316 37.13 3.79 -17.88
N LYS B 317 37.13 2.50 -17.55
CA LYS B 317 36.46 1.51 -18.37
C LYS B 317 35.03 1.90 -18.66
N TYR B 318 34.30 2.34 -17.65
CA TYR B 318 32.86 2.51 -17.75
C TYR B 318 32.43 3.91 -18.12
N LEU B 319 33.34 4.87 -18.19
CA LEU B 319 33.00 6.24 -18.54
C LEU B 319 33.76 6.72 -19.76
N ILE B 320 35.09 6.58 -19.75
CA ILE B 320 35.91 7.29 -20.71
C ILE B 320 35.91 6.58 -22.06
N LEU B 321 36.44 5.36 -22.10
CA LEU B 321 36.41 4.61 -23.36
C LEU B 321 35.01 4.60 -23.93
N PRO B 322 33.95 4.41 -23.14
CA PRO B 322 32.60 4.68 -23.66
C PRO B 322 32.40 6.11 -24.11
N TRP B 323 33.07 7.08 -23.51
CA TRP B 323 32.83 8.47 -23.85
C TRP B 323 33.60 8.94 -25.08
N PHE B 324 34.89 8.61 -25.16
CA PHE B 324 35.75 9.09 -26.23
C PHE B 324 36.30 7.99 -27.12
N ASN B 325 36.05 6.72 -26.81
CA ASN B 325 36.55 5.57 -27.53
C ASN B 325 38.00 5.27 -27.20
N GLU B 326 38.68 6.15 -26.46
CA GLU B 326 40.08 5.94 -26.16
C GLU B 326 40.47 6.78 -24.95
N PHE B 327 41.62 6.45 -24.37
CA PHE B 327 42.16 7.12 -23.20
C PHE B 327 43.59 7.50 -23.47
N THR B 328 43.87 8.79 -23.53
CA THR B 328 45.21 9.30 -23.81
C THR B 328 45.87 9.73 -22.51
N VAL B 329 46.99 9.08 -22.18
CA VAL B 329 47.81 9.47 -21.06
C VAL B 329 48.93 10.33 -21.61
N GLU B 330 48.97 11.59 -21.19
CA GLU B 330 50.00 12.51 -21.66
C GLU B 330 51.20 12.41 -20.72
N ARG B 331 52.34 12.01 -21.25
CA ARG B 331 53.53 11.78 -20.46
C ARG B 331 54.70 12.49 -21.10
N SER B 332 55.64 12.90 -20.26
CA SER B 332 56.85 13.50 -20.78
C SER B 332 57.56 12.52 -21.70
N ALA B 333 58.45 13.06 -22.53
CA ALA B 333 59.24 12.21 -23.39
C ALA B 333 60.07 11.23 -22.58
N ASP B 334 60.63 11.69 -21.45
CA ASP B 334 61.52 10.86 -20.65
C ASP B 334 60.81 9.68 -20.00
N ASN B 335 59.54 9.84 -19.62
CA ASN B 335 58.80 8.80 -18.91
C ASN B 335 57.89 8.02 -19.85
N GLY B 336 58.23 7.98 -21.14
CA GLY B 336 57.48 7.22 -22.11
C GLY B 336 56.49 8.00 -22.94
N GLY B 337 56.45 9.32 -22.80
CA GLY B 337 55.71 10.16 -23.74
C GLY B 337 54.22 9.86 -23.74
N ASN B 338 53.51 10.67 -24.53
CA ASN B 338 52.06 10.56 -24.58
C ASN B 338 51.63 9.21 -25.14
N LYS B 339 50.60 8.62 -24.53
CA LYS B 339 50.10 7.30 -24.90
C LYS B 339 48.59 7.33 -24.97
N THR B 340 48.02 6.65 -25.96
CA THR B 340 46.58 6.58 -26.16
C THR B 340 46.10 5.14 -26.01
N PHE B 341 45.11 4.94 -25.16
CA PHE B 341 44.46 3.66 -24.97
C PHE B 341 43.07 3.70 -25.60
N LYS B 342 42.90 2.98 -26.70
CA LYS B 342 41.59 2.86 -27.33
C LYS B 342 40.73 1.79 -26.67
N SER B 343 41.34 0.93 -25.87
CA SER B 343 40.64 -0.21 -25.27
C SER B 343 41.07 -0.35 -23.83
N TYR B 344 40.22 -1.02 -23.05
CA TYR B 344 40.53 -1.23 -21.64
C TYR B 344 41.61 -2.29 -21.46
N GLU B 345 41.70 -3.25 -22.38
CA GLU B 345 42.71 -4.29 -22.26
C GLU B 345 44.11 -3.70 -22.34
N GLU B 346 44.33 -2.78 -23.29
CA GLU B 346 45.61 -2.11 -23.38
C GLU B 346 45.93 -1.35 -22.10
N LEU B 347 44.92 -0.66 -21.55
CA LEU B 347 45.14 0.09 -20.33
C LEU B 347 45.54 -0.82 -19.18
N ILE B 348 44.81 -1.92 -18.99
CA ILE B 348 45.11 -2.82 -17.88
C ILE B 348 46.46 -3.47 -18.08
N ALA B 349 46.82 -3.79 -19.32
CA ALA B 349 48.13 -4.37 -19.57
C ALA B 349 49.24 -3.41 -19.18
N ASP B 350 49.14 -2.16 -19.64
CA ASP B 350 50.18 -1.19 -19.33
C ASP B 350 50.18 -0.85 -17.84
N TYR B 351 49.03 -1.00 -17.18
CA TYR B 351 48.96 -0.77 -15.75
C TYR B 351 49.66 -1.87 -14.98
N GLU B 352 49.38 -3.13 -15.34
CA GLU B 352 49.96 -4.26 -14.61
C GLU B 352 51.46 -4.39 -14.87
N SER B 353 51.89 -4.19 -16.12
CA SER B 353 53.31 -4.31 -16.44
C SER B 353 54.13 -3.24 -15.74
N GLY B 354 53.50 -2.15 -15.32
CA GLY B 354 54.20 -1.06 -14.68
C GLY B 354 54.59 0.08 -15.61
N GLU B 355 54.35 -0.05 -16.91
CA GLU B 355 54.60 1.06 -17.81
C GLU B 355 53.68 2.24 -17.52
N LEU B 356 52.42 1.97 -17.24
CA LEU B 356 51.44 3.00 -16.88
C LEU B 356 51.30 3.02 -15.36
N HIS B 357 51.86 4.03 -14.74
CA HIS B 357 51.77 4.14 -13.29
C HIS B 357 50.55 4.97 -12.89
N PRO B 358 50.02 4.78 -11.69
CA PRO B 358 48.87 5.59 -11.26
C PRO B 358 49.14 7.08 -11.32
N ALA B 359 50.39 7.50 -11.10
CA ALA B 359 50.72 8.91 -11.13
C ALA B 359 50.45 9.52 -12.50
N ASP B 360 50.40 8.70 -13.55
CA ASP B 360 50.02 9.19 -14.88
C ASP B 360 48.54 8.97 -15.15
N LEU B 361 48.01 7.84 -14.73
CA LEU B 361 46.59 7.56 -14.96
C LEU B 361 45.73 8.62 -14.30
N LYS B 362 45.93 8.84 -13.01
CA LYS B 362 45.06 9.76 -12.28
C LYS B 362 45.08 11.17 -12.83
N PRO B 363 46.23 11.76 -13.18
CA PRO B 363 46.17 13.10 -13.74
C PRO B 363 45.45 13.17 -15.08
N ALA B 364 45.82 12.32 -16.03
CA ALA B 364 45.03 12.23 -17.24
C ALA B 364 43.59 11.92 -16.90
N LEU B 365 43.39 11.08 -15.88
CA LEU B 365 42.05 10.69 -15.47
C LEU B 365 41.22 11.91 -15.08
N SER B 366 41.76 12.72 -14.16
CA SER B 366 41.02 13.88 -13.68
C SER B 366 40.90 14.93 -14.78
N LYS B 367 41.94 15.06 -15.59
CA LYS B 367 41.83 15.92 -16.76
C LYS B 367 40.59 15.55 -17.56
N SER B 368 40.46 14.28 -17.89
CA SER B 368 39.36 13.84 -18.72
C SER B 368 38.03 13.98 -18.00
N LEU B 369 38.02 13.70 -16.69
CA LEU B 369 36.78 13.82 -15.92
C LEU B 369 36.31 15.26 -15.91
N ASN B 370 37.21 16.19 -15.66
CA ASN B 370 36.87 17.59 -15.69
C ASN B 370 36.44 18.01 -17.10
N LYS B 371 37.02 17.38 -18.11
CA LYS B 371 36.57 17.65 -19.47
C LYS B 371 35.11 17.25 -19.67
N ILE B 372 34.76 16.01 -19.30
CA ILE B 372 33.38 15.56 -19.49
C ILE B 372 32.43 16.38 -18.63
N LEU B 373 32.90 16.85 -17.48
CA LEU B 373 32.03 17.58 -16.56
C LEU B 373 31.94 19.06 -16.88
N GLU B 374 32.86 19.60 -17.67
CA GLU B 374 32.85 21.03 -17.94
C GLU B 374 31.54 21.52 -18.54
N PRO B 375 30.90 20.80 -19.48
CA PRO B 375 29.62 21.30 -20.00
C PRO B 375 28.56 21.50 -18.93
N VAL B 376 28.49 20.61 -17.93
CA VAL B 376 27.49 20.79 -16.87
C VAL B 376 27.85 21.99 -16.00
N ARG B 377 29.13 22.16 -15.70
CA ARG B 377 29.57 23.35 -14.99
C ARG B 377 29.13 24.60 -15.75
N GLU B 378 29.31 24.60 -17.07
CA GLU B 378 28.90 25.74 -17.88
C GLU B 378 27.39 25.95 -17.84
N HIS B 379 26.62 24.86 -17.95
CA HIS B 379 25.16 24.98 -17.92
C HIS B 379 24.69 25.60 -16.62
N PHE B 380 25.15 25.05 -15.48
CA PHE B 380 24.71 25.56 -14.19
C PHE B 380 25.33 26.91 -13.84
N ARG B 381 26.40 27.30 -14.53
CA ARG B 381 26.89 28.67 -14.40
C ARG B 381 26.05 29.64 -15.22
N LYS B 382 25.51 29.18 -16.35
CA LYS B 382 24.79 30.05 -17.27
C LYS B 382 23.29 30.09 -16.98
N ASP B 383 22.66 28.94 -16.75
CA ASP B 383 21.21 28.87 -16.63
C ASP B 383 20.78 29.28 -15.22
N SER B 384 19.93 30.30 -15.13
CA SER B 384 19.53 30.83 -13.83
C SER B 384 18.69 29.84 -13.04
N ASN B 385 17.71 29.20 -13.68
CA ASN B 385 16.86 28.24 -12.97
C ASN B 385 17.69 27.04 -12.52
N ALA B 386 18.59 26.57 -13.38
CA ALA B 386 19.48 25.47 -13.00
C ALA B 386 20.38 25.89 -11.84
N LYS B 387 20.86 27.13 -11.86
CA LYS B 387 21.69 27.63 -10.77
C LYS B 387 20.92 27.64 -9.46
N GLU B 388 19.67 28.13 -9.49
CA GLU B 388 18.85 28.14 -8.27
C GLU B 388 18.58 26.72 -7.79
N LEU B 389 18.30 25.80 -8.70
CA LEU B 389 18.09 24.40 -8.32
C LEU B 389 19.33 23.84 -7.67
N LEU B 390 20.51 24.14 -8.23
CA LEU B 390 21.75 23.67 -7.65
C LEU B 390 21.96 24.22 -6.24
N LYS B 391 21.70 25.51 -6.06
CA LYS B 391 21.89 26.12 -4.75
C LYS B 391 20.94 25.52 -3.72
N ARG B 392 19.69 25.32 -4.10
CA ARG B 392 18.72 24.72 -3.18
C ARG B 392 19.09 23.27 -2.86
N VAL B 393 19.51 22.50 -3.86
CA VAL B 393 19.86 21.10 -3.63
C VAL B 393 21.05 20.98 -2.71
N LYS B 394 22.10 21.78 -2.94
CA LYS B 394 23.23 21.77 -2.03
C LYS B 394 22.85 22.34 -0.67
N ALA B 395 21.78 23.13 -0.60
CA ALA B 395 21.31 23.66 0.68
C ALA B 395 20.56 22.61 1.51
N TYR B 396 20.25 21.45 0.94
CA TYR B 396 19.49 20.43 1.64
C TYR B 396 20.43 19.41 2.28
N ARG B 397 20.02 18.85 3.41
CA ARG B 397 20.81 17.83 4.08
C ARG B 397 20.47 16.44 3.56
N VAL B 398 21.50 15.62 3.30
CA VAL B 398 21.30 14.26 2.81
C VAL B 398 20.83 13.38 3.97
N THR B 399 19.74 12.64 3.74
CA THR B 399 19.17 11.76 4.75
C THR B 399 19.37 10.30 4.36
N LYS B 400 19.53 9.45 5.37
CA LYS B 400 19.58 8.00 5.18
C LYS B 400 18.17 7.42 5.25
#